data_5VN2
#
_entry.id   5VN2
#
_cell.length_a   74.560
_cell.length_b   92.710
_cell.length_c   129.910
_cell.angle_alpha   90.000
_cell.angle_beta   90.000
_cell.angle_gamma   90.000
#
_symmetry.space_group_name_H-M   'P 21 21 21'
#
loop_
_entity.id
_entity.type
_entity.pdbx_description
1 polymer '3-oxoacyl-(Acyl-carrier protein) reductase'
2 non-polymer NICOTINAMIDE-ADENINE-DINUCLEOTIDE
3 non-polymer 'ACETATE ION'
4 non-polymer 1,2-ETHANEDIOL
5 water water
#
_entity_poly.entity_id   1
_entity_poly.type   'polypeptide(L)'
_entity_poly.pdbx_seq_one_letter_code
;MAHHHHHHMSRQRPVALVTGGRRGIGLGIARALAAKGFDLAITDRESDEAVIHELRGLGGKVAFFKSDLAAVKTHEATVF
AVLDAFGGIDCLVNNAGMGAVERGDFLALKPENFDTIMDVNLRGTVFFTQAVVKAMLAADEVRFPRSIVTISSVSSVMTS
PERLDYCISKAGLTAFVQGLALRLAEARIGVFEVRPGIIRTDMTAKVAARYDALIEGGLVPMKRWGEASDVGAIVAGLAG
GDFIFATGSAIHADGGLSIAKL
;
_entity_poly.pdbx_strand_id   A,B,C,D
#
# COMPACT_ATOMS: atom_id res chain seq x y z
N SER A 10 -3.57 -26.82 33.08
CA SER A 10 -2.26 -26.83 33.71
C SER A 10 -1.82 -25.41 34.09
N ARG A 11 -1.06 -24.73 33.24
CA ARG A 11 -0.66 -23.36 33.55
C ARG A 11 -1.89 -22.47 33.66
N GLN A 12 -1.91 -21.64 34.70
CA GLN A 12 -3.07 -20.82 35.02
C GLN A 12 -2.93 -19.38 34.52
N ARG A 13 -1.75 -19.01 34.02
CA ARG A 13 -1.48 -17.71 33.42
C ARG A 13 -0.85 -17.91 32.05
N PRO A 14 -1.17 -17.06 31.08
CA PRO A 14 -0.57 -17.20 29.76
C PRO A 14 0.90 -16.82 29.80
N VAL A 15 1.64 -17.37 28.84
CA VAL A 15 3.10 -17.23 28.78
C VAL A 15 3.46 -16.47 27.51
N ALA A 16 4.17 -15.36 27.67
CA ALA A 16 4.73 -14.61 26.54
C ALA A 16 6.23 -14.80 26.49
N LEU A 17 6.73 -15.07 25.29
CA LEU A 17 8.17 -15.16 25.02
C LEU A 17 8.55 -13.88 24.28
N VAL A 18 9.39 -13.06 24.90
CA VAL A 18 9.77 -11.76 24.36
C VAL A 18 11.25 -11.81 24.03
N THR A 19 11.60 -11.76 22.75
CA THR A 19 13.01 -11.73 22.39
C THR A 19 13.56 -10.31 22.51
N GLY A 20 14.83 -10.20 22.88
CA GLY A 20 15.41 -8.89 23.14
C GLY A 20 14.72 -8.16 24.26
N GLY A 21 14.24 -8.89 25.27
CA GLY A 21 13.40 -8.30 26.30
C GLY A 21 14.13 -7.70 27.47
N ARG A 22 15.46 -7.61 27.39
CA ARG A 22 16.28 -7.12 28.49
C ARG A 22 16.26 -5.60 28.60
N ARG A 23 15.99 -4.87 27.52
CA ARG A 23 16.03 -3.41 27.57
C ARG A 23 15.21 -2.85 26.42
N GLY A 24 15.08 -1.53 26.39
CA GLY A 24 14.44 -0.83 25.28
C GLY A 24 12.99 -1.25 25.09
N ILE A 25 12.59 -1.32 23.80
CA ILE A 25 11.21 -1.65 23.45
C ILE A 25 10.82 -3.02 24.01
N GLY A 26 11.72 -4.00 23.91
CA GLY A 26 11.39 -5.33 24.41
C GLY A 26 11.09 -5.34 25.90
N LEU A 27 11.81 -4.52 26.66
CA LEU A 27 11.53 -4.42 28.09
C LEU A 27 10.22 -3.70 28.34
N GLY A 28 9.94 -2.65 27.56
CA GLY A 28 8.63 -2.01 27.63
C GLY A 28 7.50 -2.98 27.35
N ILE A 29 7.68 -3.85 26.35
CA ILE A 29 6.68 -4.86 26.04
C ILE A 29 6.56 -5.87 27.19
N ALA A 30 7.70 -6.31 27.73
CA ALA A 30 7.66 -7.27 28.84
C ALA A 30 6.89 -6.71 30.02
N ARG A 31 7.16 -5.45 30.38
CA ARG A 31 6.47 -4.83 31.51
CA ARG A 31 6.46 -4.84 31.51
C ARG A 31 4.97 -4.77 31.25
N ALA A 32 4.58 -4.41 30.02
CA ALA A 32 3.16 -4.24 29.75
C ALA A 32 2.43 -5.57 29.74
N LEU A 33 3.09 -6.63 29.25
CA LEU A 33 2.48 -7.95 29.28
C LEU A 33 2.35 -8.47 30.71
N ALA A 34 3.39 -8.25 31.54
CA ALA A 34 3.28 -8.62 32.95
C ALA A 34 2.09 -7.94 33.61
N ALA A 35 1.90 -6.64 33.36
CA ALA A 35 0.75 -5.94 33.94
C ALA A 35 -0.56 -6.52 33.45
N LYS A 36 -0.56 -7.12 32.27
CA LYS A 36 -1.74 -7.72 31.66
C LYS A 36 -1.96 -9.15 32.14
N GLY A 37 -1.08 -9.68 32.98
CA GLY A 37 -1.26 -10.99 33.56
C GLY A 37 -0.47 -12.12 32.93
N PHE A 38 0.54 -11.82 32.10
CA PHE A 38 1.37 -12.84 31.51
C PHE A 38 2.57 -13.18 32.40
N ASP A 39 2.93 -14.46 32.42
CA ASP A 39 4.28 -14.84 32.80
C ASP A 39 5.21 -14.62 31.61
N LEU A 40 6.52 -14.50 31.88
CA LEU A 40 7.46 -13.97 30.89
C LEU A 40 8.65 -14.91 30.71
N ALA A 41 8.88 -15.31 29.46
CA ALA A 41 10.14 -15.93 29.06
C ALA A 41 10.91 -14.88 28.29
N ILE A 42 11.95 -14.32 28.91
CA ILE A 42 12.78 -13.29 28.29
C ILE A 42 13.96 -13.96 27.62
N THR A 43 14.20 -13.68 26.35
CA THR A 43 15.43 -14.12 25.72
C THR A 43 16.24 -12.90 25.31
N ASP A 44 17.55 -13.07 25.28
CA ASP A 44 18.45 -11.99 24.87
C ASP A 44 19.84 -12.59 24.72
N ARG A 45 20.68 -11.95 23.89
CA ARG A 45 22.05 -12.44 23.82
C ARG A 45 22.91 -11.90 24.96
N GLU A 46 22.46 -10.83 25.63
CA GLU A 46 23.14 -10.30 26.80
C GLU A 46 22.32 -10.57 28.05
N SER A 47 22.99 -10.88 29.15
CA SER A 47 22.31 -11.11 30.43
C SER A 47 22.18 -9.84 31.24
N ASP A 48 21.10 -9.74 32.01
CA ASP A 48 20.98 -8.70 33.04
C ASP A 48 19.97 -9.20 34.07
N GLU A 49 20.47 -9.90 35.09
CA GLU A 49 19.57 -10.45 36.11
C GLU A 49 18.84 -9.36 36.88
N ALA A 50 19.43 -8.17 37.01
CA ALA A 50 18.74 -7.08 37.71
C ALA A 50 17.43 -6.73 37.02
N VAL A 51 17.42 -6.76 35.69
CA VAL A 51 16.20 -6.48 34.92
C VAL A 51 15.18 -7.60 35.13
N ILE A 52 15.66 -8.84 35.15
CA ILE A 52 14.77 -9.97 35.40
C ILE A 52 14.15 -9.84 36.79
N HIS A 53 14.97 -9.48 37.80
CA HIS A 53 14.44 -9.28 39.15
C HIS A 53 13.36 -8.21 39.16
N GLU A 54 13.61 -7.07 38.52
CA GLU A 54 12.62 -6.00 38.45
C GLU A 54 11.32 -6.49 37.81
N LEU A 55 11.42 -7.26 36.73
CA LEU A 55 10.20 -7.80 36.10
C LEU A 55 9.42 -8.68 37.07
N ARG A 56 10.10 -9.49 37.88
CA ARG A 56 9.41 -10.31 38.88
C ARG A 56 8.61 -9.47 39.87
N GLY A 57 9.02 -8.21 40.09
CA GLY A 57 8.26 -7.34 40.97
C GLY A 57 6.88 -6.98 40.45
N LEU A 58 6.59 -7.30 39.19
CA LEU A 58 5.30 -6.95 38.61
C LEU A 58 4.22 -8.00 38.84
N GLY A 59 4.51 -9.05 39.61
CA GLY A 59 3.50 -9.99 40.07
C GLY A 59 3.51 -11.37 39.42
N GLY A 60 4.24 -11.57 38.32
CA GLY A 60 4.22 -12.84 37.63
C GLY A 60 5.56 -13.57 37.70
N LYS A 61 5.54 -14.77 37.15
CA LYS A 61 6.75 -15.56 36.99
C LYS A 61 7.56 -15.06 35.80
N VAL A 62 8.89 -15.01 35.96
CA VAL A 62 9.81 -14.56 34.90
C VAL A 62 10.99 -15.50 34.87
N ALA A 63 11.42 -15.88 33.67
CA ALA A 63 12.63 -16.66 33.48
C ALA A 63 13.38 -16.09 32.28
N PHE A 64 14.70 -16.21 32.32
CA PHE A 64 15.58 -15.69 31.28
C PHE A 64 16.26 -16.82 30.54
N PHE A 65 16.39 -16.68 29.22
CA PHE A 65 17.01 -17.68 28.36
C PHE A 65 18.02 -16.99 27.46
N LYS A 66 19.29 -17.34 27.62
CA LYS A 66 20.31 -16.69 26.80
C LYS A 66 20.25 -17.24 25.38
N SER A 67 20.12 -16.35 24.40
CA SER A 67 19.92 -16.78 23.01
C SER A 67 20.43 -15.72 22.05
N ASP A 68 21.22 -16.14 21.05
CA ASP A 68 21.56 -15.28 19.93
C ASP A 68 20.56 -15.54 18.81
N LEU A 69 19.77 -14.52 18.48
CA LEU A 69 18.73 -14.68 17.47
C LEU A 69 19.31 -15.19 16.14
N ALA A 70 20.53 -14.80 15.79
CA ALA A 70 21.10 -15.24 14.52
C ALA A 70 21.53 -16.70 14.54
N ALA A 71 21.74 -17.29 15.72
CA ALA A 71 22.29 -18.65 15.83
C ALA A 71 21.13 -19.64 15.73
N VAL A 72 20.69 -19.88 14.49
CA VAL A 72 19.44 -20.62 14.27
C VAL A 72 19.55 -22.08 14.67
N LYS A 73 20.77 -22.65 14.70
CA LYS A 73 20.91 -24.02 15.16
C LYS A 73 20.59 -24.17 16.63
N THR A 74 20.58 -23.08 17.40
CA THR A 74 20.31 -23.13 18.83
C THR A 74 18.85 -22.90 19.19
N HIS A 75 18.01 -22.51 18.22
CA HIS A 75 16.65 -22.09 18.54
C HIS A 75 15.82 -23.23 19.11
N GLU A 76 15.96 -24.43 18.56
CA GLU A 76 15.18 -25.55 19.06
C GLU A 76 15.42 -25.79 20.54
N ALA A 77 16.68 -25.74 20.96
CA ALA A 77 17.01 -25.97 22.37
C ALA A 77 16.45 -24.86 23.25
N THR A 78 16.50 -23.61 22.76
CA THR A 78 15.91 -22.51 23.50
C THR A 78 14.41 -22.71 23.69
N VAL A 79 13.71 -23.07 22.62
CA VAL A 79 12.27 -23.29 22.73
C VAL A 79 11.98 -24.44 23.67
N PHE A 80 12.77 -25.52 23.58
CA PHE A 80 12.59 -26.65 24.48
CA PHE A 80 12.62 -26.65 24.48
C PHE A 80 12.77 -26.21 25.93
N ALA A 81 13.73 -25.31 26.20
CA ALA A 81 13.96 -24.84 27.55
C ALA A 81 12.81 -23.98 28.05
N VAL A 82 12.22 -23.17 27.17
CA VAL A 82 11.03 -22.40 27.53
C VAL A 82 9.87 -23.33 27.86
N LEU A 83 9.67 -24.36 27.03
CA LEU A 83 8.62 -25.32 27.32
C LEU A 83 8.87 -26.05 28.62
N ASP A 84 10.12 -26.38 28.90
CA ASP A 84 10.46 -27.04 30.17
CA ASP A 84 10.42 -27.06 30.16
C ASP A 84 10.06 -26.19 31.36
N ALA A 85 10.27 -24.87 31.24
CA ALA A 85 10.00 -23.97 32.36
C ALA A 85 8.52 -23.62 32.50
N PHE A 86 7.79 -23.54 31.39
CA PHE A 86 6.44 -22.97 31.40
C PHE A 86 5.37 -23.91 30.86
N GLY A 87 5.74 -25.00 30.19
CA GLY A 87 4.79 -25.93 29.64
C GLY A 87 4.14 -25.52 28.33
N GLY A 88 4.20 -24.24 27.97
CA GLY A 88 3.59 -23.80 26.72
C GLY A 88 3.92 -22.35 26.46
N ILE A 89 3.72 -21.93 25.21
CA ILE A 89 3.92 -20.54 24.81
C ILE A 89 2.62 -20.04 24.20
N ASP A 90 2.10 -18.94 24.75
CA ASP A 90 0.86 -18.38 24.23
C ASP A 90 1.07 -17.15 23.36
N CYS A 91 2.10 -16.38 23.63
CA CYS A 91 2.40 -15.18 22.86
C CYS A 91 3.90 -15.13 22.57
N LEU A 92 4.25 -14.92 21.31
CA LEU A 92 5.63 -14.67 20.90
C LEU A 92 5.72 -13.22 20.45
N VAL A 93 6.68 -12.49 21.01
CA VAL A 93 7.00 -11.13 20.57
C VAL A 93 8.38 -11.19 19.95
N ASN A 94 8.44 -11.03 18.62
CA ASN A 94 9.71 -10.97 17.89
C ASN A 94 10.20 -9.54 17.96
N ASN A 95 11.00 -9.24 18.97
CA ASN A 95 11.46 -7.87 19.15
C ASN A 95 12.95 -7.69 18.91
N ALA A 96 13.79 -8.69 19.21
CA ALA A 96 15.23 -8.54 19.08
C ALA A 96 15.59 -8.08 17.68
N GLY A 97 16.50 -7.13 17.61
CA GLY A 97 16.92 -6.64 16.30
C GLY A 97 18.04 -5.64 16.52
N MET A 98 18.64 -5.23 15.41
CA MET A 98 19.78 -4.32 15.49
C MET A 98 19.68 -3.31 14.35
N GLY A 99 20.23 -2.12 14.60
CA GLY A 99 20.34 -1.14 13.54
C GLY A 99 21.55 -1.40 12.65
N ALA A 100 21.61 -0.66 11.54
CA ALA A 100 22.69 -0.85 10.58
C ALA A 100 24.06 -0.65 11.22
N VAL A 101 25.04 -1.45 10.80
CA VAL A 101 26.40 -1.33 11.34
C VAL A 101 26.96 0.05 11.03
N GLU A 102 26.83 0.48 9.78
CA GLU A 102 27.26 1.80 9.35
C GLU A 102 26.12 2.50 8.65
N ARG A 103 26.04 3.80 8.83
CA ARG A 103 25.17 4.63 8.01
C ARG A 103 26.04 5.33 6.98
N GLY A 104 25.57 5.37 5.75
CA GLY A 104 26.38 6.02 4.73
C GLY A 104 25.87 5.68 3.34
N ASP A 105 26.57 6.25 2.37
CA ASP A 105 26.23 6.04 0.96
C ASP A 105 26.07 4.57 0.65
N PHE A 106 24.93 4.23 0.02
CA PHE A 106 24.73 2.88 -0.49
C PHE A 106 25.93 2.38 -1.30
N LEU A 107 26.63 3.28 -2.01
CA LEU A 107 27.81 2.87 -2.77
C LEU A 107 28.90 2.24 -1.90
N ALA A 108 28.92 2.56 -0.61
CA ALA A 108 29.94 2.04 0.29
C ALA A 108 29.42 0.91 1.17
N LEU A 109 28.15 0.52 1.01
CA LEU A 109 27.60 -0.57 1.80
C LEU A 109 28.43 -1.85 1.64
N LYS A 110 28.81 -2.45 2.76
CA LYS A 110 29.60 -3.67 2.66
C LYS A 110 28.73 -4.91 2.82
N PRO A 111 28.96 -5.94 2.00
CA PRO A 111 28.18 -7.18 2.16
C PRO A 111 28.29 -7.81 3.55
N GLU A 112 29.47 -7.73 4.21
CA GLU A 112 29.55 -8.31 5.55
C GLU A 112 28.61 -7.60 6.52
N ASN A 113 28.46 -6.29 6.42
CA ASN A 113 27.55 -5.57 7.30
C ASN A 113 26.09 -5.83 6.93
N PHE A 114 25.80 -5.90 5.63
CA PHE A 114 24.49 -6.36 5.17
C PHE A 114 24.16 -7.73 5.78
N ASP A 115 25.12 -8.66 5.74
CA ASP A 115 24.90 -10.00 6.30
C ASP A 115 24.63 -9.96 7.81
N THR A 116 25.40 -9.17 8.55
CA THR A 116 25.21 -9.12 10.01
C THR A 116 23.79 -8.74 10.35
N ILE A 117 23.28 -7.68 9.70
CA ILE A 117 21.93 -7.18 9.99
CA ILE A 117 21.93 -7.18 9.97
C ILE A 117 20.88 -8.17 9.50
N MET A 118 21.06 -8.72 8.29
CA MET A 118 20.05 -9.64 7.75
C MET A 118 19.98 -10.93 8.57
N ASP A 119 21.14 -11.43 9.02
CA ASP A 119 21.18 -12.66 9.83
C ASP A 119 20.38 -12.52 11.11
N VAL A 120 20.42 -11.35 11.74
CA VAL A 120 19.68 -11.14 12.97
C VAL A 120 18.21 -10.79 12.68
N ASN A 121 18.00 -9.66 12.00
CA ASN A 121 16.66 -9.08 11.91
C ASN A 121 15.70 -9.97 11.13
N LEU A 122 16.16 -10.56 10.04
CA LEU A 122 15.28 -11.27 9.13
C LEU A 122 15.44 -12.77 9.23
N ARG A 123 16.62 -13.29 8.90
CA ARG A 123 16.86 -14.73 8.97
C ARG A 123 16.63 -15.25 10.39
N GLY A 124 17.22 -14.59 11.38
CA GLY A 124 17.07 -15.05 12.75
C GLY A 124 15.60 -15.03 13.18
N THR A 125 14.90 -13.93 12.93
CA THR A 125 13.50 -13.85 13.33
C THR A 125 12.69 -14.95 12.67
N VAL A 126 12.91 -15.19 11.37
CA VAL A 126 12.13 -16.17 10.62
C VAL A 126 12.28 -17.55 11.25
N PHE A 127 13.51 -17.97 11.50
CA PHE A 127 13.66 -19.34 11.95
C PHE A 127 13.46 -19.47 13.45
N PHE A 128 13.61 -18.40 14.23
CA PHE A 128 13.17 -18.48 15.62
C PHE A 128 11.66 -18.61 15.69
N THR A 129 10.95 -17.86 14.83
CA THR A 129 9.51 -18.02 14.74
C THR A 129 9.13 -19.44 14.35
N GLN A 130 9.84 -20.03 13.38
CA GLN A 130 9.58 -21.41 13.01
C GLN A 130 9.64 -22.36 14.20
N ALA A 131 10.67 -22.20 15.03
CA ALA A 131 10.84 -23.12 16.16
C ALA A 131 9.71 -22.97 17.18
N VAL A 132 9.30 -21.72 17.44
CA VAL A 132 8.19 -21.49 18.37
C VAL A 132 6.88 -22.02 17.79
N VAL A 133 6.64 -21.81 16.49
CA VAL A 133 5.41 -22.25 15.87
C VAL A 133 5.29 -23.77 15.90
N LYS A 134 6.39 -24.48 15.65
CA LYS A 134 6.39 -25.93 15.84
C LYS A 134 5.83 -26.30 17.21
N ALA A 135 6.26 -25.58 18.25
CA ALA A 135 5.76 -25.88 19.59
C ALA A 135 4.28 -25.50 19.74
N MET A 136 3.90 -24.33 19.23
CA MET A 136 2.52 -23.88 19.42
C MET A 136 1.53 -24.81 18.74
N LEU A 137 1.87 -25.29 17.54
CA LEU A 137 0.97 -26.18 16.82
C LEU A 137 0.79 -27.52 17.52
N ALA A 138 1.72 -27.89 18.40
CA ALA A 138 1.64 -29.13 19.14
C ALA A 138 1.06 -28.97 20.55
N ALA A 139 0.55 -27.79 20.89
CA ALA A 139 0.01 -27.56 22.24
C ALA A 139 -1.18 -28.48 22.52
N ASP A 140 -1.12 -29.17 23.66
CA ASP A 140 -2.21 -30.05 24.06
C ASP A 140 -3.43 -29.24 24.48
N GLU A 141 -3.22 -28.22 25.31
CA GLU A 141 -4.28 -27.38 25.81
C GLU A 141 -4.08 -25.95 25.30
N VAL A 142 -5.17 -25.32 24.88
CA VAL A 142 -5.15 -23.93 24.42
C VAL A 142 -6.22 -23.22 25.24
N ARG A 143 -5.82 -22.68 26.38
CA ARG A 143 -6.76 -22.05 27.29
C ARG A 143 -6.75 -20.53 27.19
N PHE A 144 -5.74 -19.95 26.54
CA PHE A 144 -5.60 -18.51 26.44
C PHE A 144 -5.53 -18.08 24.98
N PRO A 145 -5.93 -16.85 24.66
CA PRO A 145 -5.68 -16.31 23.32
C PRO A 145 -4.20 -16.42 22.98
N ARG A 146 -3.91 -16.68 21.69
CA ARG A 146 -2.54 -16.87 21.24
C ARG A 146 -2.21 -15.87 20.14
N SER A 147 -0.97 -15.38 20.13
CA SER A 147 -0.59 -14.38 19.15
C SER A 147 0.91 -14.45 18.88
N ILE A 148 1.29 -14.00 17.69
CA ILE A 148 2.68 -13.74 17.36
C ILE A 148 2.75 -12.30 16.87
N VAL A 149 3.45 -11.45 17.62
CA VAL A 149 3.55 -10.02 17.34
C VAL A 149 4.98 -9.76 16.91
N THR A 150 5.18 -9.28 15.69
CA THR A 150 6.53 -9.07 15.18
C THR A 150 6.81 -7.58 15.08
N ILE A 151 7.90 -7.16 15.72
CA ILE A 151 8.31 -5.75 15.73
C ILE A 151 9.14 -5.55 14.47
N SER A 152 8.59 -4.87 13.49
CA SER A 152 9.43 -4.54 12.33
C SER A 152 9.96 -3.14 12.52
N SER A 153 9.40 -2.17 11.78
CA SER A 153 9.81 -0.77 11.82
C SER A 153 9.03 0.02 10.77
N VAL A 154 8.90 1.34 10.93
CA VAL A 154 8.43 2.13 9.80
C VAL A 154 9.40 2.01 8.63
N SER A 155 10.67 1.61 8.91
CA SER A 155 11.63 1.41 7.83
C SER A 155 11.22 0.30 6.87
N SER A 156 10.22 -0.52 7.23
CA SER A 156 9.65 -1.47 6.27
C SER A 156 9.01 -0.76 5.09
N VAL A 157 8.43 0.42 5.31
CA VAL A 157 7.65 1.12 4.30
C VAL A 157 8.15 2.53 4.05
N MET A 158 9.16 3.01 4.77
CA MET A 158 9.78 4.30 4.52
C MET A 158 11.27 4.04 4.30
N THR A 159 11.80 4.43 3.14
CA THR A 159 13.17 4.08 2.85
C THR A 159 14.15 5.12 3.40
N SER A 160 15.33 4.63 3.79
CA SER A 160 16.44 5.49 4.23
C SER A 160 17.66 5.06 3.40
N PRO A 161 18.02 5.81 2.35
CA PRO A 161 19.10 5.33 1.46
C PRO A 161 20.43 5.15 2.15
N GLU A 162 20.64 5.74 3.32
CA GLU A 162 21.91 5.57 4.00
C GLU A 162 21.96 4.31 4.85
N ARG A 163 20.89 3.52 4.87
CA ARG A 163 20.91 2.26 5.62
C ARG A 163 19.89 1.30 4.98
N LEU A 164 20.08 1.05 3.67
CA LEU A 164 19.16 0.20 2.93
C LEU A 164 19.19 -1.24 3.41
N ASP A 165 20.32 -1.69 3.96
CA ASP A 165 20.36 -3.04 4.52
C ASP A 165 19.35 -3.21 5.64
N TYR A 166 19.26 -2.22 6.53
CA TYR A 166 18.26 -2.25 7.60
C TYR A 166 16.84 -2.21 7.03
N CYS A 167 16.58 -1.29 6.10
CA CYS A 167 15.24 -1.18 5.52
C CYS A 167 14.81 -2.47 4.86
N ILE A 168 15.73 -3.10 4.10
CA ILE A 168 15.44 -4.37 3.45
C ILE A 168 15.10 -5.44 4.49
N SER A 169 15.88 -5.50 5.57
CA SER A 169 15.63 -6.56 6.55
C SER A 169 14.25 -6.40 7.17
N LYS A 170 13.81 -5.15 7.37
CA LYS A 170 12.50 -4.93 7.98
C LYS A 170 11.37 -5.12 6.97
N ALA A 171 11.58 -4.72 5.70
CA ALA A 171 10.58 -5.01 4.66
C ALA A 171 10.38 -6.50 4.49
N GLY A 172 11.46 -7.28 4.65
CA GLY A 172 11.32 -8.73 4.57
C GLY A 172 10.42 -9.27 5.67
N LEU A 173 10.51 -8.68 6.86
CA LEU A 173 9.62 -9.08 7.95
C LEU A 173 8.16 -8.79 7.62
N THR A 174 7.89 -7.64 7.00
CA THR A 174 6.52 -7.33 6.59
C THR A 174 5.95 -8.44 5.74
N ALA A 175 6.73 -8.93 4.76
CA ALA A 175 6.23 -9.99 3.89
C ALA A 175 6.07 -11.30 4.66
N PHE A 176 7.03 -11.62 5.54
CA PHE A 176 6.94 -12.83 6.34
C PHE A 176 5.65 -12.85 7.17
N VAL A 177 5.33 -11.71 7.79
CA VAL A 177 4.16 -11.65 8.67
C VAL A 177 2.89 -12.00 7.91
N GLN A 178 2.74 -11.50 6.69
CA GLN A 178 1.55 -11.79 5.91
C GLN A 178 1.39 -13.30 5.67
N GLY A 179 2.48 -13.97 5.28
CA GLY A 179 2.39 -15.39 5.02
C GLY A 179 2.16 -16.18 6.29
N LEU A 180 2.77 -15.73 7.38
CA LEU A 180 2.61 -16.41 8.67
C LEU A 180 1.18 -16.33 9.17
N ALA A 181 0.53 -15.17 8.97
CA ALA A 181 -0.86 -15.02 9.37
C ALA A 181 -1.75 -16.03 8.64
N LEU A 182 -1.53 -16.22 7.33
CA LEU A 182 -2.30 -17.23 6.61
C LEU A 182 -2.03 -18.63 7.14
N ARG A 183 -0.75 -18.94 7.43
CA ARG A 183 -0.38 -20.27 7.89
C ARG A 183 -1.03 -20.62 9.22
N LEU A 184 -1.26 -19.62 10.07
CA LEU A 184 -1.72 -19.86 11.43
C LEU A 184 -3.17 -19.46 11.64
N ALA A 185 -3.90 -19.14 10.57
CA ALA A 185 -5.27 -18.70 10.72
C ALA A 185 -6.15 -19.80 11.30
N GLU A 186 -6.02 -21.03 10.79
CA GLU A 186 -6.85 -22.12 11.29
C GLU A 186 -6.49 -22.51 12.71
N ALA A 187 -5.22 -22.33 13.10
CA ALA A 187 -4.82 -22.55 14.48
C ALA A 187 -5.29 -21.43 15.41
N ARG A 188 -5.90 -20.39 14.86
CA ARG A 188 -6.42 -19.27 15.64
CA ARG A 188 -6.42 -19.25 15.62
C ARG A 188 -5.33 -18.57 16.43
N ILE A 189 -4.17 -18.41 15.82
CA ILE A 189 -3.07 -17.61 16.38
C ILE A 189 -3.10 -16.29 15.65
N GLY A 190 -3.34 -15.20 16.39
CA GLY A 190 -3.37 -13.89 15.78
C GLY A 190 -1.97 -13.45 15.43
N VAL A 191 -1.75 -13.04 14.18
CA VAL A 191 -0.41 -12.70 13.70
C VAL A 191 -0.43 -11.24 13.29
N PHE A 192 0.44 -10.44 13.91
CA PHE A 192 0.41 -8.99 13.74
C PHE A 192 1.82 -8.44 13.50
N GLU A 193 1.86 -7.30 12.82
CA GLU A 193 3.08 -6.53 12.62
C GLU A 193 2.93 -5.21 13.38
N VAL A 194 3.95 -4.82 14.14
CA VAL A 194 3.99 -3.52 14.79
C VAL A 194 5.21 -2.78 14.27
N ARG A 195 4.99 -1.56 13.76
CA ARG A 195 6.02 -0.73 13.14
C ARG A 195 6.31 0.47 14.04
N PRO A 196 7.28 0.38 14.94
CA PRO A 196 7.65 1.56 15.73
C PRO A 196 8.27 2.63 14.84
N GLY A 197 8.10 3.88 15.26
CA GLY A 197 8.61 5.01 14.51
C GLY A 197 9.95 5.48 15.06
N ILE A 198 9.93 6.51 15.89
CA ILE A 198 11.13 7.04 16.53
C ILE A 198 10.91 6.88 18.04
N ILE A 199 11.56 5.87 18.63
CA ILE A 199 11.36 5.48 20.02
C ILE A 199 12.65 5.75 20.80
N ARG A 200 12.51 6.19 22.04
CA ARG A 200 13.66 6.52 22.86
C ARG A 200 14.25 5.24 23.44
N THR A 201 15.32 4.75 22.82
CA THR A 201 16.05 3.55 23.27
C THR A 201 17.53 3.78 23.00
N ASP A 202 18.34 2.79 23.37
CA ASP A 202 19.75 2.83 22.99
C ASP A 202 19.94 2.79 21.48
N MET A 203 18.97 2.25 20.74
CA MET A 203 19.14 2.18 19.29
C MET A 203 19.12 3.57 18.65
N THR A 204 18.37 4.50 19.23
CA THR A 204 18.35 5.88 18.76
C THR A 204 19.29 6.79 19.54
N ALA A 205 20.01 6.25 20.54
CA ALA A 205 20.79 7.08 21.45
C ALA A 205 21.86 7.88 20.74
N LYS A 206 22.58 7.26 19.79
CA LYS A 206 23.69 7.96 19.13
C LYS A 206 23.20 9.17 18.33
N VAL A 207 21.98 9.11 17.81
CA VAL A 207 21.41 10.19 17.02
C VAL A 207 20.33 10.94 17.79
N ALA A 208 20.35 10.86 19.13
CA ALA A 208 19.24 11.38 19.92
C ALA A 208 19.08 12.89 19.75
N ALA A 209 20.17 13.62 19.54
CA ALA A 209 20.07 15.07 19.37
C ALA A 209 19.47 15.45 18.02
N ARG A 210 19.85 14.73 16.95
CA ARG A 210 19.27 15.00 15.63
C ARG A 210 17.79 14.66 15.59
N TYR A 211 17.39 13.55 16.21
CA TYR A 211 15.98 13.19 16.24
C TYR A 211 15.18 14.13 17.15
N ASP A 212 15.77 14.52 18.30
CA ASP A 212 15.14 15.55 19.13
C ASP A 212 14.76 16.76 18.28
N ALA A 213 15.69 17.23 17.44
CA ALA A 213 15.41 18.36 16.58
C ALA A 213 14.29 18.06 15.59
N LEU A 214 14.37 16.90 14.93
CA LEU A 214 13.37 16.56 13.92
C LEU A 214 11.97 16.47 14.51
N ILE A 215 11.85 15.84 15.69
CA ILE A 215 10.54 15.66 16.32
C ILE A 215 9.91 17.01 16.62
N GLU A 216 10.69 17.93 17.17
CA GLU A 216 10.21 19.29 17.39
C GLU A 216 9.70 19.92 16.09
N GLY A 217 10.48 19.78 15.01
CA GLY A 217 10.16 20.38 13.72
C GLY A 217 8.93 19.83 13.04
N GLY A 218 8.22 18.87 13.63
CA GLY A 218 7.00 18.35 13.08
C GLY A 218 7.12 17.08 12.28
N LEU A 219 8.32 16.51 12.13
CA LEU A 219 8.48 15.24 11.44
C LEU A 219 7.51 14.19 11.98
N VAL A 220 7.34 14.14 13.30
CA VAL A 220 6.36 13.26 13.94
C VAL A 220 5.13 14.10 14.24
N PRO A 221 3.98 13.80 13.64
CA PRO A 221 2.77 14.61 13.88
C PRO A 221 2.40 14.78 15.35
N MET A 222 2.65 13.78 16.18
CA MET A 222 2.37 13.95 17.61
C MET A 222 3.46 14.72 18.35
N LYS A 223 4.58 15.01 17.67
CA LYS A 223 5.59 15.94 18.17
C LYS A 223 6.17 15.51 19.52
N ARG A 224 6.32 14.20 19.71
CA ARG A 224 7.02 13.70 20.88
C ARG A 224 7.79 12.45 20.52
N TRP A 225 8.80 12.15 21.33
CA TRP A 225 9.45 10.84 21.28
C TRP A 225 8.43 9.76 21.59
N GLY A 226 8.53 8.65 20.86
CA GLY A 226 7.88 7.44 21.30
C GLY A 226 8.63 6.85 22.47
N GLU A 227 7.91 6.16 23.35
CA GLU A 227 8.52 5.47 24.48
C GLU A 227 8.31 3.97 24.35
N ALA A 228 9.20 3.19 24.98
CA ALA A 228 9.04 1.74 24.99
C ALA A 228 7.64 1.35 25.48
N SER A 229 7.12 2.12 26.45
CA SER A 229 5.79 1.84 27.00
C SER A 229 4.68 2.13 25.99
N ASP A 230 4.89 3.05 25.03
CA ASP A 230 3.93 3.19 23.94
C ASP A 230 3.82 1.88 23.15
N VAL A 231 4.97 1.34 22.71
CA VAL A 231 4.93 0.08 21.96
C VAL A 231 4.42 -1.05 22.84
N GLY A 232 4.79 -1.03 24.13
CA GLY A 232 4.34 -2.08 25.02
C GLY A 232 2.84 -2.12 25.17
N ALA A 233 2.21 -0.95 25.31
CA ALA A 233 0.75 -0.91 25.47
C ALA A 233 0.07 -1.45 24.23
N ILE A 234 0.60 -1.14 23.05
CA ILE A 234 0.02 -1.63 21.81
C ILE A 234 0.16 -3.14 21.71
N VAL A 235 1.37 -3.64 22.00
CA VAL A 235 1.61 -5.08 21.89
C VAL A 235 0.74 -5.83 22.88
N ALA A 236 0.64 -5.31 24.11
CA ALA A 236 -0.19 -5.97 25.11
C ALA A 236 -1.66 -5.95 24.69
N GLY A 237 -2.10 -4.89 24.03
CA GLY A 237 -3.46 -4.86 23.50
C GLY A 237 -3.72 -5.97 22.52
N LEU A 238 -2.76 -6.22 21.62
CA LEU A 238 -2.92 -7.28 20.62
C LEU A 238 -2.84 -8.66 21.24
N ALA A 239 -2.03 -8.82 22.30
CA ALA A 239 -1.84 -10.14 22.89
C ALA A 239 -3.02 -10.59 23.72
N GLY A 240 -3.93 -9.68 24.11
CA GLY A 240 -5.03 -10.04 24.99
C GLY A 240 -6.13 -10.85 24.32
N GLY A 241 -6.18 -10.87 22.99
CA GLY A 241 -7.15 -11.68 22.27
C GLY A 241 -8.23 -10.90 21.57
N ASP A 242 -8.41 -9.62 21.91
CA ASP A 242 -9.48 -8.85 21.29
C ASP A 242 -9.26 -8.66 19.79
N PHE A 243 -8.05 -8.87 19.29
CA PHE A 243 -7.76 -8.59 17.89
C PHE A 243 -7.60 -9.86 17.05
N ILE A 244 -8.12 -11.00 17.53
CA ILE A 244 -7.93 -12.26 16.80
C ILE A 244 -8.48 -12.18 15.39
N PHE A 245 -9.65 -11.54 15.20
CA PHE A 245 -10.24 -11.51 13.87
C PHE A 245 -9.52 -10.51 12.96
N ALA A 246 -8.57 -9.77 13.52
CA ALA A 246 -7.77 -8.81 12.80
C ALA A 246 -6.43 -9.37 12.36
N THR A 247 -6.28 -10.69 12.37
CA THR A 247 -4.98 -11.28 12.05
C THR A 247 -4.51 -10.79 10.68
N GLY A 248 -3.19 -10.60 10.56
CA GLY A 248 -2.60 -10.01 9.39
C GLY A 248 -2.48 -8.50 9.42
N SER A 249 -3.04 -7.85 10.43
CA SER A 249 -3.02 -6.38 10.50
C SER A 249 -1.63 -5.87 10.87
N ALA A 250 -1.31 -4.68 10.36
CA ALA A 250 -0.12 -3.94 10.71
C ALA A 250 -0.52 -2.68 11.48
N ILE A 251 0.17 -2.43 12.59
CA ILE A 251 -0.11 -1.29 13.47
C ILE A 251 1.11 -0.38 13.45
N HIS A 252 0.90 0.91 13.19
CA HIS A 252 2.01 1.86 13.17
CA HIS A 252 1.98 1.90 13.17
C HIS A 252 2.16 2.45 14.57
N ALA A 253 3.27 2.15 15.23
CA ALA A 253 3.51 2.69 16.58
C ALA A 253 4.48 3.87 16.49
N ASP A 254 3.98 4.96 15.89
CA ASP A 254 4.90 6.00 15.45
C ASP A 254 4.37 7.42 15.58
N GLY A 255 3.31 7.64 16.36
CA GLY A 255 2.73 8.97 16.49
C GLY A 255 2.36 9.66 15.18
N GLY A 256 2.08 8.87 14.14
CA GLY A 256 1.71 9.39 12.83
C GLY A 256 2.85 9.56 11.85
N LEU A 257 4.07 9.14 12.21
CA LEU A 257 5.25 9.40 11.38
C LEU A 257 5.06 8.89 9.96
N SER A 258 4.48 7.70 9.79
CA SER A 258 4.41 7.05 8.48
C SER A 258 3.15 7.42 7.70
N ILE A 259 2.32 8.34 8.20
CA ILE A 259 1.22 8.84 7.38
C ILE A 259 1.83 9.66 6.25
N ALA A 260 1.55 9.25 5.01
CA ALA A 260 2.09 9.97 3.86
C ALA A 260 1.38 11.31 3.71
N LYS A 261 2.15 12.41 3.67
CA LYS A 261 1.59 13.75 3.69
C LYS A 261 2.28 14.64 2.67
N LEU A 262 1.51 15.51 2.05
CA LEU A 262 2.07 16.54 1.18
C LEU A 262 1.71 17.92 1.73
N HIS B 8 37.01 12.42 -27.56
CA HIS B 8 36.84 11.14 -28.24
C HIS B 8 35.42 10.59 -28.20
N MET B 9 34.65 10.91 -29.23
CA MET B 9 33.73 9.98 -29.88
C MET B 9 33.15 8.91 -28.95
N SER B 10 31.96 9.15 -28.40
CA SER B 10 31.34 8.18 -27.51
C SER B 10 30.41 7.27 -28.30
N ARG B 11 29.95 6.21 -27.63
CA ARG B 11 29.14 5.19 -28.27
C ARG B 11 27.90 5.79 -28.93
N GLN B 12 27.45 5.16 -30.01
N GLN B 12 27.44 5.17 -30.01
CA GLN B 12 26.35 5.66 -30.83
CA GLN B 12 26.32 5.70 -30.78
C GLN B 12 25.04 4.94 -30.56
C GLN B 12 25.02 4.94 -30.56
N ARG B 13 25.06 3.80 -29.86
CA ARG B 13 23.86 3.09 -29.47
C ARG B 13 23.86 2.92 -27.96
N PRO B 14 22.71 2.97 -27.32
CA PRO B 14 22.67 2.74 -25.86
C PRO B 14 22.97 1.29 -25.55
N VAL B 15 23.48 1.04 -24.34
CA VAL B 15 23.92 -0.27 -23.90
C VAL B 15 23.04 -0.75 -22.75
N ALA B 16 22.47 -1.94 -22.88
CA ALA B 16 21.70 -2.56 -21.81
C ALA B 16 22.43 -3.79 -21.30
N LEU B 17 22.57 -3.88 -19.98
CA LEU B 17 23.10 -5.06 -19.29
C LEU B 17 21.91 -5.82 -18.70
N VAL B 18 21.68 -7.03 -19.18
CA VAL B 18 20.56 -7.87 -18.76
C VAL B 18 21.10 -9.08 -18.04
N THR B 19 20.81 -9.21 -16.75
CA THR B 19 21.25 -10.38 -16.03
C THR B 19 20.25 -11.51 -16.22
N GLY B 20 20.77 -12.74 -16.23
CA GLY B 20 19.96 -13.91 -16.51
C GLY B 20 19.29 -13.87 -17.86
N GLY B 21 19.99 -13.38 -18.87
CA GLY B 21 19.41 -13.12 -20.17
C GLY B 21 19.45 -14.28 -21.14
N ARG B 22 19.84 -15.46 -20.69
CA ARG B 22 19.99 -16.60 -21.58
C ARG B 22 18.65 -17.20 -22.01
N ARG B 23 17.60 -17.05 -21.21
CA ARG B 23 16.32 -17.67 -21.53
C ARG B 23 15.21 -16.95 -20.76
N GLY B 24 13.97 -17.39 -20.99
CA GLY B 24 12.86 -16.89 -20.19
C GLY B 24 12.63 -15.40 -20.35
N ILE B 25 12.24 -14.76 -19.23
CA ILE B 25 11.92 -13.34 -19.23
C ILE B 25 13.14 -12.50 -19.61
N GLY B 26 14.31 -12.86 -19.08
CA GLY B 26 15.50 -12.12 -19.44
C GLY B 26 15.77 -12.12 -20.93
N LEU B 27 15.54 -13.25 -21.58
CA LEU B 27 15.72 -13.30 -23.03
C LEU B 27 14.66 -12.50 -23.78
N GLY B 28 13.40 -12.56 -23.32
CA GLY B 28 12.37 -11.72 -23.93
C GLY B 28 12.68 -10.23 -23.79
N ILE B 29 13.24 -9.85 -22.64
CA ILE B 29 13.68 -8.47 -22.42
C ILE B 29 14.83 -8.13 -23.37
N ALA B 30 15.81 -9.02 -23.48
CA ALA B 30 16.95 -8.79 -24.36
C ALA B 30 16.50 -8.61 -25.81
N ARG B 31 15.59 -9.47 -26.28
CA ARG B 31 15.07 -9.35 -27.65
CA ARG B 31 15.09 -9.34 -27.64
C ARG B 31 14.39 -8.01 -27.87
N ALA B 32 13.57 -7.57 -26.91
CA ALA B 32 12.83 -6.33 -27.09
C ALA B 32 13.75 -5.12 -27.11
N LEU B 33 14.77 -5.11 -26.24
CA LEU B 33 15.73 -4.02 -26.21
C LEU B 33 16.57 -3.98 -27.48
N ALA B 34 17.02 -5.14 -27.97
CA ALA B 34 17.77 -5.17 -29.22
C ALA B 34 16.93 -4.62 -30.37
N ALA B 35 15.64 -4.95 -30.42
CA ALA B 35 14.79 -4.46 -31.49
C ALA B 35 14.63 -2.94 -31.44
N LYS B 36 14.73 -2.36 -30.24
CA LYS B 36 14.64 -0.92 -30.03
C LYS B 36 15.97 -0.21 -30.23
N GLY B 37 17.04 -0.94 -30.56
CA GLY B 37 18.31 -0.33 -30.90
C GLY B 37 19.35 -0.33 -29.79
N PHE B 38 19.20 -1.17 -28.77
CA PHE B 38 20.19 -1.29 -27.70
C PHE B 38 21.24 -2.33 -28.06
N ASP B 39 22.50 -2.01 -27.76
CA ASP B 39 23.51 -3.05 -27.64
C ASP B 39 23.33 -3.77 -26.30
N LEU B 40 23.83 -5.00 -26.20
CA LEU B 40 23.46 -5.91 -25.12
C LEU B 40 24.68 -6.55 -24.48
N ALA B 41 24.78 -6.41 -23.17
CA ALA B 41 25.69 -7.19 -22.33
C ALA B 41 24.83 -8.18 -21.55
N ILE B 42 24.91 -9.45 -21.90
CA ILE B 42 24.11 -10.50 -21.28
C ILE B 42 24.97 -11.21 -20.24
N THR B 43 24.45 -11.37 -19.02
CA THR B 43 25.08 -12.23 -18.04
C THR B 43 24.18 -13.42 -17.73
N ASP B 44 24.80 -14.54 -17.36
CA ASP B 44 24.10 -15.73 -16.91
C ASP B 44 25.14 -16.72 -16.38
N ARG B 45 24.66 -17.76 -15.69
CA ARG B 45 25.52 -18.83 -15.19
C ARG B 45 26.17 -19.61 -16.33
N GLU B 46 25.40 -19.94 -17.35
CA GLU B 46 25.90 -20.67 -18.50
C GLU B 46 25.50 -19.90 -19.75
N SER B 47 26.26 -20.07 -20.82
CA SER B 47 25.88 -19.40 -22.04
C SER B 47 25.07 -20.33 -22.92
N ASP B 48 24.26 -19.72 -23.78
CA ASP B 48 23.58 -20.40 -24.87
C ASP B 48 24.06 -19.63 -26.10
N GLU B 49 25.07 -20.17 -26.77
CA GLU B 49 25.67 -19.46 -27.89
C GLU B 49 24.65 -19.26 -29.01
N ALA B 50 23.73 -20.20 -29.21
CA ALA B 50 22.69 -20.03 -30.21
C ALA B 50 21.83 -18.81 -29.91
N VAL B 51 21.56 -18.57 -28.62
CA VAL B 51 20.81 -17.39 -28.22
C VAL B 51 21.58 -16.11 -28.57
N ILE B 52 22.89 -16.09 -28.29
CA ILE B 52 23.68 -14.90 -28.58
C ILE B 52 23.67 -14.62 -30.08
N HIS B 53 23.88 -15.66 -30.90
CA HIS B 53 23.83 -15.50 -32.34
C HIS B 53 22.46 -14.98 -32.79
N GLU B 54 21.38 -15.49 -32.20
CA GLU B 54 20.05 -15.03 -32.54
C GLU B 54 19.89 -13.54 -32.22
N LEU B 55 20.35 -13.12 -31.04
CA LEU B 55 20.27 -11.72 -30.68
C LEU B 55 21.11 -10.86 -31.62
N ARG B 56 22.26 -11.36 -32.05
CA ARG B 56 23.07 -10.61 -33.00
C ARG B 56 22.38 -10.46 -34.34
N GLY B 57 21.44 -11.37 -34.64
CA GLY B 57 20.65 -11.25 -35.86
C GLY B 57 19.85 -9.97 -35.93
N LEU B 58 19.65 -9.29 -34.81
CA LEU B 58 18.91 -8.04 -34.78
C LEU B 58 19.77 -6.82 -35.11
N GLY B 59 21.08 -6.99 -35.32
CA GLY B 59 21.89 -5.97 -35.93
C GLY B 59 22.83 -5.18 -35.02
N GLY B 60 22.80 -5.42 -33.71
CA GLY B 60 23.64 -4.69 -32.78
C GLY B 60 24.75 -5.55 -32.22
N LYS B 61 25.54 -4.94 -31.33
CA LYS B 61 26.55 -5.69 -30.60
C LYS B 61 25.90 -6.46 -29.46
N VAL B 62 26.30 -7.72 -29.30
CA VAL B 62 25.86 -8.59 -28.20
C VAL B 62 27.08 -9.34 -27.69
N ALA B 63 27.29 -9.32 -26.37
CA ALA B 63 28.41 -10.04 -25.78
C ALA B 63 27.95 -10.73 -24.50
N PHE B 64 28.50 -11.90 -24.23
CA PHE B 64 28.11 -12.68 -23.06
C PHE B 64 29.16 -12.62 -21.96
N PHE B 65 28.71 -12.55 -20.71
CA PHE B 65 29.58 -12.50 -19.54
C PHE B 65 29.09 -13.50 -18.51
N LYS B 66 29.91 -14.51 -18.26
CA LYS B 66 29.61 -15.55 -17.28
C LYS B 66 29.62 -14.93 -15.90
N SER B 67 28.53 -15.13 -15.16
CA SER B 67 28.42 -14.52 -13.82
C SER B 67 27.42 -15.31 -12.98
N ASP B 68 27.82 -15.64 -11.76
CA ASP B 68 26.89 -16.09 -10.73
C ASP B 68 26.50 -14.87 -9.92
N LEU B 69 25.23 -14.44 -10.04
CA LEU B 69 24.74 -13.27 -9.32
C LEU B 69 25.02 -13.37 -7.82
N ALA B 70 25.00 -14.59 -7.26
CA ALA B 70 25.24 -14.72 -5.82
C ALA B 70 26.69 -14.45 -5.43
N ALA B 71 27.64 -14.50 -6.37
CA ALA B 71 29.07 -14.39 -6.04
C ALA B 71 29.49 -12.92 -6.07
N VAL B 72 29.16 -12.21 -4.98
CA VAL B 72 29.29 -10.75 -5.01
C VAL B 72 30.74 -10.32 -5.16
N LYS B 73 31.71 -11.16 -4.76
CA LYS B 73 33.11 -10.80 -4.94
C LYS B 73 33.51 -10.70 -6.40
N THR B 74 32.73 -11.28 -7.30
CA THR B 74 33.06 -11.28 -8.72
C THR B 74 32.35 -10.17 -9.50
N HIS B 75 31.49 -9.38 -8.85
CA HIS B 75 30.66 -8.42 -9.60
C HIS B 75 31.48 -7.27 -10.17
N GLU B 76 32.45 -6.76 -9.41
CA GLU B 76 33.27 -5.66 -9.89
C GLU B 76 33.99 -6.05 -11.19
N ALA B 77 34.55 -7.26 -11.25
CA ALA B 77 35.25 -7.71 -12.44
C ALA B 77 34.30 -7.86 -13.62
N THR B 78 33.09 -8.34 -13.37
CA THR B 78 32.09 -8.43 -14.43
C THR B 78 31.76 -7.06 -14.99
N VAL B 79 31.52 -6.09 -14.10
CA VAL B 79 31.17 -4.75 -14.56
C VAL B 79 32.32 -4.13 -15.36
N PHE B 80 33.56 -4.29 -14.89
CA PHE B 80 34.70 -3.77 -15.65
C PHE B 80 34.80 -4.43 -17.02
N ALA B 81 34.50 -5.73 -17.10
CA ALA B 81 34.55 -6.40 -18.39
C ALA B 81 33.49 -5.84 -19.34
N VAL B 82 32.30 -5.50 -18.82
CA VAL B 82 31.28 -4.88 -19.66
C VAL B 82 31.73 -3.50 -20.14
N LEU B 83 32.32 -2.71 -19.24
CA LEU B 83 32.81 -1.38 -19.60
C LEU B 83 33.92 -1.48 -20.64
N ASP B 84 34.84 -2.43 -20.47
CA ASP B 84 35.90 -2.60 -21.47
C ASP B 84 35.31 -2.86 -22.86
N ALA B 85 34.23 -3.62 -22.93
CA ALA B 85 33.66 -4.00 -24.22
C ALA B 85 32.70 -2.97 -24.77
N PHE B 86 32.02 -2.22 -23.91
CA PHE B 86 30.95 -1.34 -24.34
C PHE B 86 31.15 0.12 -24.01
N GLY B 87 32.08 0.46 -23.12
CA GLY B 87 32.37 1.85 -22.82
C GLY B 87 31.48 2.43 -21.74
N GLY B 88 30.25 1.96 -21.64
CA GLY B 88 29.36 2.43 -20.60
C GLY B 88 28.09 1.60 -20.56
N ILE B 89 27.31 1.83 -19.51
CA ILE B 89 26.05 1.14 -19.27
C ILE B 89 24.96 2.17 -19.14
N ASP B 90 23.95 2.11 -20.01
CA ASP B 90 22.84 3.03 -19.91
C ASP B 90 21.63 2.43 -19.22
N CYS B 91 21.42 1.12 -19.34
CA CYS B 91 20.27 0.45 -18.77
C CYS B 91 20.72 -0.85 -18.11
N LEU B 92 20.40 -1.02 -16.83
CA LEU B 92 20.59 -2.29 -16.11
C LEU B 92 19.24 -2.94 -15.91
N VAL B 93 19.11 -4.19 -16.33
CA VAL B 93 17.91 -4.98 -16.08
C VAL B 93 18.29 -6.08 -15.09
N ASN B 94 17.86 -5.93 -13.85
CA ASN B 94 18.08 -6.93 -12.81
C ASN B 94 17.03 -8.01 -12.97
N ASN B 95 17.32 -9.01 -13.80
CA ASN B 95 16.35 -10.05 -14.08
C ASN B 95 16.69 -11.41 -13.48
N ALA B 96 17.98 -11.74 -13.34
CA ALA B 96 18.36 -13.07 -12.85
C ALA B 96 17.68 -13.37 -11.51
N GLY B 97 17.17 -14.57 -11.38
CA GLY B 97 16.49 -14.97 -10.15
C GLY B 97 16.15 -16.43 -10.19
N MET B 98 15.85 -16.99 -9.02
CA MET B 98 15.48 -18.39 -8.94
C MET B 98 14.25 -18.57 -8.06
N GLY B 99 13.47 -19.62 -8.37
CA GLY B 99 12.34 -20.00 -7.54
C GLY B 99 12.79 -20.73 -6.28
N ALA B 100 11.86 -20.86 -5.32
CA ALA B 100 12.18 -21.58 -4.09
C ALA B 100 12.72 -22.96 -4.41
N VAL B 101 13.72 -23.41 -3.64
CA VAL B 101 14.28 -24.74 -3.84
C VAL B 101 13.20 -25.81 -3.68
N GLU B 102 12.41 -25.73 -2.61
CA GLU B 102 11.31 -26.66 -2.38
C GLU B 102 10.08 -25.88 -1.94
N ARG B 103 8.95 -26.16 -2.58
CA ARG B 103 7.65 -25.64 -2.16
C ARG B 103 7.06 -26.56 -1.10
N GLY B 104 6.71 -26.00 0.05
CA GLY B 104 6.14 -26.80 1.11
C GLY B 104 5.85 -25.96 2.34
N ASP B 105 5.34 -26.64 3.38
CA ASP B 105 5.00 -26.01 4.64
C ASP B 105 6.16 -25.17 5.17
N PHE B 106 5.84 -23.96 5.64
CA PHE B 106 6.88 -23.13 6.26
C PHE B 106 7.57 -23.85 7.42
N LEU B 107 6.85 -24.72 8.13
CA LEU B 107 7.47 -25.48 9.21
C LEU B 107 8.62 -26.35 8.72
N ALA B 108 8.65 -26.72 7.44
CA ALA B 108 9.73 -27.54 6.89
C ALA B 108 10.79 -26.72 6.16
N LEU B 109 10.65 -25.40 6.11
CA LEU B 109 11.62 -24.58 5.39
C LEU B 109 13.00 -24.74 6.01
N LYS B 110 14.02 -24.91 5.16
CA LYS B 110 15.39 -25.16 5.62
C LYS B 110 16.22 -23.88 5.51
N PRO B 111 16.97 -23.53 6.54
CA PRO B 111 17.87 -22.36 6.44
C PRO B 111 18.78 -22.36 5.21
N GLU B 112 19.34 -23.51 4.83
CA GLU B 112 20.24 -23.50 3.69
CA GLU B 112 20.24 -23.56 3.67
C GLU B 112 19.51 -23.19 2.38
N ASN B 113 18.23 -23.57 2.27
CA ASN B 113 17.47 -23.24 1.05
C ASN B 113 17.02 -21.78 1.06
N PHE B 114 16.66 -21.27 2.23
CA PHE B 114 16.39 -19.85 2.40
C PHE B 114 17.60 -19.02 1.97
N ASP B 115 18.79 -19.43 2.42
CA ASP B 115 20.01 -18.70 2.08
C ASP B 115 20.27 -18.72 0.56
N THR B 116 20.07 -19.86 -0.08
CA THR B 116 20.34 -19.96 -1.52
C THR B 116 19.53 -18.94 -2.29
N ILE B 117 18.23 -18.85 -1.98
CA ILE B 117 17.32 -17.94 -2.68
C ILE B 117 17.64 -16.49 -2.33
N MET B 118 17.91 -16.22 -1.05
CA MET B 118 18.24 -14.85 -0.63
C MET B 118 19.55 -14.38 -1.23
N ASP B 119 20.56 -15.27 -1.26
CA ASP B 119 21.86 -14.93 -1.83
C ASP B 119 21.77 -14.55 -3.30
N VAL B 120 20.90 -15.23 -4.06
CA VAL B 120 20.74 -14.91 -5.48
C VAL B 120 19.80 -13.72 -5.66
N ASN B 121 18.53 -13.86 -5.23
CA ASN B 121 17.49 -12.90 -5.62
C ASN B 121 17.72 -11.53 -5.00
N LEU B 122 18.13 -11.49 -3.74
CA LEU B 122 18.15 -10.25 -2.97
C LEU B 122 19.58 -9.75 -2.78
N ARG B 123 20.40 -10.47 -2.02
CA ARG B 123 21.78 -10.04 -1.78
C ARG B 123 22.54 -9.87 -3.10
N GLY B 124 22.46 -10.86 -3.99
CA GLY B 124 23.20 -10.77 -5.24
C GLY B 124 22.76 -9.60 -6.10
N THR B 125 21.44 -9.41 -6.24
CA THR B 125 20.90 -8.30 -7.00
C THR B 125 21.36 -6.96 -6.43
N VAL B 126 21.29 -6.82 -5.11
CA VAL B 126 21.66 -5.57 -4.46
C VAL B 126 23.12 -5.21 -4.76
N PHE B 127 24.04 -6.16 -4.57
CA PHE B 127 25.44 -5.78 -4.75
C PHE B 127 25.87 -5.78 -6.21
N PHE B 128 25.19 -6.53 -7.07
CA PHE B 128 25.47 -6.34 -8.50
C PHE B 128 25.04 -4.95 -8.94
N THR B 129 23.86 -4.51 -8.49
CA THR B 129 23.40 -3.14 -8.75
C THR B 129 24.41 -2.11 -8.24
N GLN B 130 24.92 -2.32 -7.02
CA GLN B 130 25.91 -1.41 -6.47
C GLN B 130 27.12 -1.27 -7.40
N ALA B 131 27.62 -2.41 -7.91
CA ALA B 131 28.77 -2.40 -8.81
C ALA B 131 28.46 -1.63 -10.10
N VAL B 132 27.26 -1.83 -10.66
CA VAL B 132 26.86 -1.13 -11.89
C VAL B 132 26.69 0.36 -11.63
N VAL B 133 26.08 0.71 -10.49
CA VAL B 133 25.80 2.13 -10.19
C VAL B 133 27.09 2.92 -10.00
N LYS B 134 28.11 2.30 -9.37
CA LYS B 134 29.42 2.94 -9.30
C LYS B 134 29.89 3.36 -10.69
N ALA B 135 29.74 2.48 -11.68
CA ALA B 135 30.18 2.78 -13.04
C ALA B 135 29.33 3.89 -13.65
N MET B 136 28.01 3.79 -13.50
CA MET B 136 27.12 4.78 -14.09
C MET B 136 27.38 6.17 -13.52
N LEU B 137 27.61 6.27 -12.22
CA LEU B 137 27.86 7.56 -11.59
C LEU B 137 29.22 8.12 -11.96
N ALA B 138 30.14 7.29 -12.45
CA ALA B 138 31.43 7.77 -12.90
C ALA B 138 31.46 8.11 -14.38
N ALA B 139 30.37 7.87 -15.10
CA ALA B 139 30.38 8.08 -16.54
C ALA B 139 30.67 9.54 -16.85
N ASP B 140 31.52 9.76 -17.84
CA ASP B 140 31.83 11.14 -18.21
C ASP B 140 30.83 11.72 -19.18
N GLU B 141 30.26 10.90 -20.07
CA GLU B 141 29.24 11.35 -21.02
C GLU B 141 27.95 10.58 -20.78
N VAL B 142 26.82 11.31 -20.84
CA VAL B 142 25.49 10.71 -20.70
C VAL B 142 24.66 11.20 -21.89
N ARG B 143 24.71 10.45 -22.98
CA ARG B 143 23.99 10.85 -24.19
C ARG B 143 22.62 10.20 -24.33
N PHE B 144 22.34 9.13 -23.59
CA PHE B 144 21.09 8.38 -23.70
C PHE B 144 20.35 8.40 -22.38
N PRO B 145 19.02 8.22 -22.40
CA PRO B 145 18.30 8.01 -21.14
C PRO B 145 18.84 6.80 -20.40
N ARG B 146 18.86 6.88 -19.07
CA ARG B 146 19.43 5.81 -18.27
C ARG B 146 18.37 5.25 -17.33
N SER B 147 18.48 3.95 -17.04
CA SER B 147 17.49 3.33 -16.17
C SER B 147 18.09 2.11 -15.48
N ILE B 148 17.50 1.78 -14.33
CA ILE B 148 17.69 0.50 -13.69
C ILE B 148 16.33 -0.11 -13.47
N VAL B 149 16.06 -1.23 -14.13
CA VAL B 149 14.76 -1.88 -14.08
C VAL B 149 14.96 -3.21 -13.36
N THR B 150 14.25 -3.40 -12.24
CA THR B 150 14.43 -4.59 -11.43
C THR B 150 13.18 -5.46 -11.51
N ILE B 151 13.39 -6.71 -11.91
CA ILE B 151 12.32 -7.69 -12.03
C ILE B 151 12.17 -8.32 -10.65
N SER B 152 11.11 -7.94 -9.94
CA SER B 152 10.83 -8.59 -8.67
C SER B 152 9.81 -9.70 -8.92
N SER B 153 8.55 -9.46 -8.51
CA SER B 153 7.47 -10.44 -8.67
C SER B 153 6.22 -9.88 -8.02
N VAL B 154 5.05 -10.36 -8.47
CA VAL B 154 3.85 -10.12 -7.67
C VAL B 154 4.03 -10.70 -6.26
N SER B 155 4.92 -11.69 -6.09
CA SER B 155 5.19 -12.25 -4.77
C SER B 155 5.80 -11.25 -3.79
N SER B 156 6.23 -10.08 -4.26
CA SER B 156 6.58 -9.02 -3.31
C SER B 156 5.37 -8.55 -2.52
N VAL B 157 4.17 -8.60 -3.10
CA VAL B 157 2.97 -8.05 -2.48
C VAL B 157 1.85 -9.07 -2.35
N MET B 158 2.03 -10.29 -2.86
CA MET B 158 1.05 -11.37 -2.74
C MET B 158 1.78 -12.55 -2.11
N THR B 159 1.32 -13.00 -0.93
CA THR B 159 2.10 -14.00 -0.21
C THR B 159 1.73 -15.41 -0.67
N SER B 160 2.71 -16.31 -0.57
CA SER B 160 2.53 -17.73 -0.86
C SER B 160 3.16 -18.47 0.31
N PRO B 161 2.35 -18.94 1.26
CA PRO B 161 2.93 -19.53 2.49
C PRO B 161 3.79 -20.75 2.23
N GLU B 162 3.69 -21.40 1.06
CA GLU B 162 4.53 -22.55 0.78
C GLU B 162 5.89 -22.18 0.19
N ARG B 163 6.21 -20.90 0.07
CA ARG B 163 7.51 -20.48 -0.44
C ARG B 163 7.79 -19.06 0.07
N LEU B 164 7.80 -18.92 1.39
CA LEU B 164 7.95 -17.61 2.01
C LEU B 164 9.35 -17.06 1.79
N ASP B 165 10.35 -17.93 1.66
CA ASP B 165 11.69 -17.44 1.39
C ASP B 165 11.74 -16.69 0.05
N TYR B 166 11.06 -17.22 -0.96
CA TYR B 166 10.98 -16.52 -2.25
C TYR B 166 10.23 -15.19 -2.13
N CYS B 167 9.08 -15.19 -1.45
CA CYS B 167 8.33 -13.94 -1.28
C CYS B 167 9.16 -12.90 -0.53
N ILE B 168 9.83 -13.31 0.56
CA ILE B 168 10.68 -12.39 1.32
C ILE B 168 11.77 -11.80 0.45
N SER B 169 12.43 -12.65 -0.36
CA SER B 169 13.50 -12.15 -1.21
C SER B 169 12.99 -11.10 -2.16
N LYS B 170 11.79 -11.29 -2.72
CA LYS B 170 11.24 -10.31 -3.64
C LYS B 170 10.70 -9.08 -2.92
N ALA B 171 10.13 -9.25 -1.73
CA ALA B 171 9.70 -8.07 -0.97
C ALA B 171 10.89 -7.21 -0.58
N GLY B 172 12.03 -7.84 -0.31
CA GLY B 172 13.24 -7.06 -0.06
C GLY B 172 13.66 -6.22 -1.25
N LEU B 173 13.49 -6.77 -2.47
CA LEU B 173 13.81 -6.02 -3.68
C LEU B 173 12.91 -4.80 -3.84
N THR B 174 11.62 -4.94 -3.49
CA THR B 174 10.72 -3.78 -3.53
C THR B 174 11.28 -2.64 -2.69
N ALA B 175 11.72 -2.95 -1.47
CA ALA B 175 12.25 -1.90 -0.61
C ALA B 175 13.55 -1.33 -1.17
N PHE B 176 14.41 -2.21 -1.70
CA PHE B 176 15.68 -1.76 -2.27
C PHE B 176 15.44 -0.76 -3.40
N VAL B 177 14.50 -1.09 -4.29
CA VAL B 177 14.24 -0.23 -5.45
C VAL B 177 13.78 1.16 -5.02
N GLN B 178 12.99 1.27 -3.93
CA GLN B 178 12.57 2.59 -3.48
C GLN B 178 13.75 3.44 -3.04
N GLY B 179 14.68 2.87 -2.25
CA GLY B 179 15.83 3.65 -1.83
C GLY B 179 16.80 3.92 -2.96
N LEU B 180 16.90 2.98 -3.90
CA LEU B 180 17.77 3.18 -5.07
C LEU B 180 17.26 4.33 -5.93
N ALA B 181 15.93 4.42 -6.09
CA ALA B 181 15.35 5.53 -6.85
C ALA B 181 15.71 6.88 -6.22
N LEU B 182 15.67 6.96 -4.89
CA LEU B 182 16.07 8.20 -4.24
C LEU B 182 17.55 8.49 -4.44
N ARG B 183 18.40 7.47 -4.31
CA ARG B 183 19.84 7.68 -4.45
C ARG B 183 20.21 8.19 -5.85
N LEU B 184 19.45 7.80 -6.87
CA LEU B 184 19.81 8.09 -8.25
C LEU B 184 18.98 9.19 -8.90
N ALA B 185 18.14 9.90 -8.14
CA ALA B 185 17.25 10.88 -8.76
C ALA B 185 18.04 12.05 -9.36
N GLU B 186 19.10 12.52 -8.67
CA GLU B 186 19.86 13.64 -9.20
C GLU B 186 20.71 13.23 -10.40
N ALA B 187 21.14 11.97 -10.47
CA ALA B 187 21.82 11.50 -11.66
C ALA B 187 20.87 11.25 -12.82
N ARG B 188 19.57 11.46 -12.62
CA ARG B 188 18.58 11.28 -13.67
CA ARG B 188 18.55 11.27 -13.65
C ARG B 188 18.62 9.86 -14.23
N ILE B 189 18.77 8.89 -13.35
CA ILE B 189 18.65 7.48 -13.69
C ILE B 189 17.29 7.02 -13.23
N GLY B 190 16.43 6.63 -14.17
CA GLY B 190 15.08 6.20 -13.81
C GLY B 190 15.12 4.81 -13.21
N VAL B 191 14.51 4.66 -12.04
CA VAL B 191 14.60 3.41 -11.29
C VAL B 191 13.21 2.84 -11.15
N PHE B 192 13.01 1.62 -11.63
CA PHE B 192 11.65 1.07 -11.69
C PHE B 192 11.63 -0.36 -11.19
N GLU B 193 10.48 -0.77 -10.68
CA GLU B 193 10.22 -2.15 -10.32
C GLU B 193 9.19 -2.72 -11.28
N VAL B 194 9.46 -3.90 -11.83
CA VAL B 194 8.47 -4.60 -12.64
C VAL B 194 8.13 -5.91 -11.93
N ARG B 195 6.84 -6.15 -11.71
CA ARG B 195 6.35 -7.33 -11.00
C ARG B 195 5.61 -8.25 -11.97
N PRO B 196 6.27 -9.25 -12.58
CA PRO B 196 5.53 -10.22 -13.39
C PRO B 196 4.61 -11.08 -12.54
N GLY B 197 3.54 -11.55 -13.16
CA GLY B 197 2.56 -12.38 -12.50
C GLY B 197 2.83 -13.85 -12.73
N ILE B 198 2.10 -14.45 -13.66
CA ILE B 198 2.31 -15.83 -14.03
C ILE B 198 2.75 -15.82 -15.49
N ILE B 199 4.03 -16.12 -15.73
CA ILE B 199 4.65 -16.03 -17.05
C ILE B 199 5.12 -17.43 -17.46
N ARG B 200 4.97 -17.75 -18.75
CA ARG B 200 5.29 -19.08 -19.27
C ARG B 200 6.80 -19.17 -19.48
N THR B 201 7.50 -19.74 -18.50
CA THR B 201 8.95 -19.94 -18.54
C THR B 201 9.27 -21.26 -17.85
N ASP B 202 10.56 -21.63 -17.85
CA ASP B 202 10.95 -22.84 -17.12
C ASP B 202 10.66 -22.72 -15.62
N MET B 203 10.58 -21.50 -15.08
CA MET B 203 10.34 -21.36 -13.64
C MET B 203 8.92 -21.79 -13.27
N THR B 204 7.97 -21.70 -14.19
CA THR B 204 6.58 -22.04 -13.91
C THR B 204 6.15 -23.39 -14.48
N ALA B 205 7.03 -24.08 -15.22
CA ALA B 205 6.61 -25.27 -15.95
C ALA B 205 6.16 -26.40 -15.02
N LYS B 206 6.75 -26.52 -13.83
CA LYS B 206 6.40 -27.63 -12.96
C LYS B 206 5.00 -27.46 -12.35
N VAL B 207 4.49 -26.25 -12.28
CA VAL B 207 3.16 -26.01 -11.71
C VAL B 207 2.19 -25.53 -12.79
N ALA B 208 2.47 -25.89 -14.06
CA ALA B 208 1.61 -25.46 -15.16
C ALA B 208 0.16 -25.90 -14.95
N ALA B 209 -0.06 -27.12 -14.46
CA ALA B 209 -1.43 -27.63 -14.30
C ALA B 209 -2.23 -26.75 -13.35
N ARG B 210 -1.68 -26.43 -12.18
CA ARG B 210 -2.42 -25.61 -11.23
C ARG B 210 -2.65 -24.20 -11.78
N TYR B 211 -1.63 -23.59 -12.38
CA TYR B 211 -1.81 -22.24 -12.91
C TYR B 211 -2.79 -22.23 -14.09
N ASP B 212 -2.75 -23.26 -14.94
CA ASP B 212 -3.73 -23.40 -16.03
C ASP B 212 -5.15 -23.15 -15.53
N ALA B 213 -5.54 -23.83 -14.45
CA ALA B 213 -6.91 -23.76 -13.96
C ALA B 213 -7.20 -22.41 -13.30
N LEU B 214 -6.25 -21.89 -12.51
CA LEU B 214 -6.41 -20.55 -11.94
C LEU B 214 -6.62 -19.52 -13.04
N ILE B 215 -5.79 -19.59 -14.09
CA ILE B 215 -5.88 -18.63 -15.19
C ILE B 215 -7.22 -18.76 -15.91
N GLU B 216 -7.59 -19.98 -16.28
CA GLU B 216 -8.84 -20.19 -17.00
C GLU B 216 -10.02 -19.72 -16.16
N GLY B 217 -9.96 -19.93 -14.86
CA GLY B 217 -11.01 -19.51 -13.96
C GLY B 217 -11.04 -18.02 -13.67
N GLY B 218 -10.13 -17.25 -14.24
CA GLY B 218 -10.17 -15.81 -14.11
C GLY B 218 -9.44 -15.22 -12.92
N LEU B 219 -8.65 -16.02 -12.20
CA LEU B 219 -7.77 -15.45 -11.19
C LEU B 219 -6.84 -14.41 -11.81
N VAL B 220 -6.36 -14.68 -13.02
CA VAL B 220 -5.73 -13.67 -13.86
C VAL B 220 -6.85 -13.03 -14.70
N PRO B 221 -7.21 -11.77 -14.46
CA PRO B 221 -8.41 -11.23 -15.13
C PRO B 221 -8.32 -11.27 -16.65
N MET B 222 -7.14 -11.07 -17.24
CA MET B 222 -7.02 -11.16 -18.68
C MET B 222 -7.04 -12.60 -19.20
N LYS B 223 -7.09 -13.58 -18.30
CA LYS B 223 -7.39 -14.98 -18.64
C LYS B 223 -6.38 -15.55 -19.63
N ARG B 224 -5.09 -15.27 -19.42
CA ARG B 224 -4.07 -15.92 -20.23
C ARG B 224 -2.76 -15.94 -19.47
N TRP B 225 -1.93 -16.92 -19.81
CA TRP B 225 -0.53 -16.88 -19.39
C TRP B 225 0.13 -15.61 -19.90
N GLY B 226 1.00 -15.03 -19.09
CA GLY B 226 1.92 -14.05 -19.61
C GLY B 226 3.03 -14.71 -20.39
N GLU B 227 3.64 -13.94 -21.31
CA GLU B 227 4.80 -14.41 -22.05
C GLU B 227 6.01 -13.52 -21.74
N ALA B 228 7.21 -14.05 -21.99
CA ALA B 228 8.41 -13.24 -21.85
C ALA B 228 8.32 -11.94 -22.66
N SER B 229 7.68 -12.01 -23.85
CA SER B 229 7.56 -10.80 -24.68
C SER B 229 6.67 -9.73 -24.03
N ASP B 230 5.70 -10.13 -23.21
CA ASP B 230 4.91 -9.13 -22.46
C ASP B 230 5.81 -8.33 -21.53
N VAL B 231 6.66 -9.01 -20.75
CA VAL B 231 7.55 -8.29 -19.85
C VAL B 231 8.56 -7.48 -20.65
N GLY B 232 9.08 -8.05 -21.75
CA GLY B 232 10.05 -7.33 -22.55
C GLY B 232 9.49 -6.02 -23.11
N ALA B 233 8.24 -6.04 -23.58
CA ALA B 233 7.66 -4.81 -24.12
C ALA B 233 7.59 -3.74 -23.05
N ILE B 234 7.18 -4.12 -21.83
CA ILE B 234 7.11 -3.18 -20.70
C ILE B 234 8.49 -2.65 -20.36
N VAL B 235 9.47 -3.54 -20.22
CA VAL B 235 10.82 -3.12 -19.83
C VAL B 235 11.41 -2.19 -20.90
N ALA B 236 11.28 -2.57 -22.17
CA ALA B 236 11.76 -1.69 -23.24
C ALA B 236 11.08 -0.33 -23.21
N GLY B 237 9.78 -0.29 -22.89
CA GLY B 237 9.10 1.00 -22.74
C GLY B 237 9.74 1.85 -21.67
N LEU B 238 10.09 1.25 -20.54
CA LEU B 238 10.69 1.99 -19.46
C LEU B 238 12.11 2.45 -19.80
N ALA B 239 12.84 1.66 -20.60
CA ALA B 239 14.25 1.96 -20.85
C ALA B 239 14.42 3.07 -21.89
N GLY B 240 13.36 3.44 -22.59
CA GLY B 240 13.47 4.42 -23.65
C GLY B 240 13.52 5.86 -23.20
N GLY B 241 13.29 6.13 -21.90
CA GLY B 241 13.45 7.46 -21.34
C GLY B 241 12.17 8.25 -21.12
N ASP B 242 11.04 7.84 -21.71
CA ASP B 242 9.80 8.60 -21.50
C ASP B 242 9.28 8.53 -20.07
N PHE B 243 9.82 7.64 -19.24
CA PHE B 243 9.33 7.46 -17.87
C PHE B 243 10.31 7.99 -16.83
N ILE B 244 11.26 8.83 -17.22
CA ILE B 244 12.26 9.29 -16.26
C ILE B 244 11.60 9.98 -15.06
N PHE B 245 10.53 10.76 -15.31
CA PHE B 245 9.90 11.49 -14.21
C PHE B 245 9.00 10.59 -13.36
N ALA B 246 8.87 9.31 -13.74
CA ALA B 246 8.13 8.32 -12.96
C ALA B 246 9.04 7.42 -12.14
N THR B 247 10.28 7.84 -11.88
CA THR B 247 11.21 7.03 -11.12
C THR B 247 10.60 6.66 -9.76
N GLY B 248 10.86 5.43 -9.32
CA GLY B 248 10.21 4.88 -8.13
C GLY B 248 8.91 4.15 -8.40
N SER B 249 8.38 4.21 -9.62
CA SER B 249 7.12 3.53 -9.91
C SER B 249 7.32 2.02 -10.01
N ALA B 250 6.27 1.29 -9.65
CA ALA B 250 6.18 -0.15 -9.86
C ALA B 250 5.14 -0.44 -10.94
N ILE B 251 5.48 -1.34 -11.87
CA ILE B 251 4.59 -1.78 -12.93
C ILE B 251 4.28 -3.25 -12.69
N HIS B 252 3.00 -3.61 -12.72
CA HIS B 252 2.57 -5.00 -12.53
C HIS B 252 2.41 -5.63 -13.91
N ALA B 253 3.28 -6.58 -14.25
CA ALA B 253 3.20 -7.27 -15.54
C ALA B 253 2.52 -8.63 -15.36
N ASP B 254 1.22 -8.54 -15.13
CA ASP B 254 0.52 -9.72 -14.58
C ASP B 254 -0.89 -9.86 -15.12
N GLY B 255 -1.28 -9.13 -16.17
CA GLY B 255 -2.63 -9.24 -16.67
C GLY B 255 -3.71 -8.94 -15.64
N GLY B 256 -3.38 -8.18 -14.60
CA GLY B 256 -4.35 -7.84 -13.58
C GLY B 256 -4.37 -8.75 -12.37
N LEU B 257 -3.50 -9.76 -12.32
CA LEU B 257 -3.54 -10.75 -11.23
C LEU B 257 -3.54 -10.09 -9.85
N SER B 258 -2.74 -9.04 -9.68
CA SER B 258 -2.54 -8.48 -8.35
C SER B 258 -3.55 -7.38 -8.00
N ILE B 259 -4.53 -7.14 -8.86
CA ILE B 259 -5.62 -6.24 -8.49
C ILE B 259 -6.44 -6.92 -7.40
N ALA B 260 -6.47 -6.29 -6.22
CA ALA B 260 -7.18 -6.91 -5.10
C ALA B 260 -8.68 -6.84 -5.37
N LYS B 261 -9.33 -8.00 -5.41
CA LYS B 261 -10.73 -8.10 -5.79
C LYS B 261 -11.48 -8.96 -4.79
N LEU B 262 -12.74 -8.62 -4.58
CA LEU B 262 -13.63 -9.39 -3.72
C LEU B 262 -14.95 -9.67 -4.45
N HIS C 5 -28.64 17.10 34.73
CA HIS C 5 -29.29 16.53 33.56
C HIS C 5 -29.17 17.44 32.33
N HIS C 6 -28.68 18.66 32.54
CA HIS C 6 -28.22 19.54 31.48
C HIS C 6 -26.77 19.91 31.75
N HIS C 7 -25.95 19.91 30.69
CA HIS C 7 -24.52 20.20 30.67
C HIS C 7 -23.67 19.07 31.24
N HIS C 8 -24.20 17.85 31.28
CA HIS C 8 -23.63 16.75 32.06
C HIS C 8 -22.16 16.48 31.79
N SER C 10 -18.30 17.41 35.77
CA SER C 10 -17.16 16.55 35.45
C SER C 10 -17.58 15.09 35.40
N ARG C 11 -17.51 14.50 34.22
CA ARG C 11 -18.06 13.16 34.05
C ARG C 11 -17.12 12.10 34.62
N GLN C 12 -17.73 11.01 35.08
CA GLN C 12 -17.04 9.91 35.72
C GLN C 12 -16.73 8.76 34.78
N ARG C 13 -17.40 8.72 33.63
CA ARG C 13 -17.27 7.68 32.63
C ARG C 13 -17.05 8.33 31.27
N PRO C 14 -16.22 7.73 30.41
CA PRO C 14 -16.07 8.25 29.06
C PRO C 14 -17.33 8.06 28.24
N VAL C 15 -17.47 8.89 27.22
CA VAL C 15 -18.67 8.97 26.39
C VAL C 15 -18.30 8.60 24.96
N ALA C 16 -18.94 7.55 24.44
CA ALA C 16 -18.79 7.15 23.04
C ALA C 16 -20.06 7.51 22.28
N LEU C 17 -19.89 8.12 21.10
CA LEU C 17 -20.98 8.37 20.18
C LEU C 17 -20.86 7.35 19.04
N VAL C 18 -21.82 6.44 18.93
CA VAL C 18 -21.81 5.40 17.91
C VAL C 18 -22.92 5.69 16.91
N THR C 19 -22.56 6.00 15.66
CA THR C 19 -23.57 6.21 14.64
C THR C 19 -24.02 4.87 14.07
N GLY C 20 -25.29 4.82 13.67
CA GLY C 20 -25.88 3.59 13.19
C GLY C 20 -25.84 2.46 14.20
N GLY C 21 -25.95 2.79 15.49
CA GLY C 21 -25.80 1.80 16.55
C GLY C 21 -27.04 1.04 16.95
N ARG C 22 -28.11 1.07 16.16
CA ARG C 22 -29.33 0.36 16.51
C ARG C 22 -29.21 -1.15 16.29
N ARG C 23 -28.34 -1.59 15.39
CA ARG C 23 -28.27 -3.00 15.05
C ARG C 23 -26.89 -3.30 14.46
N GLY C 24 -26.68 -4.57 14.11
CA GLY C 24 -25.52 -4.96 13.34
C GLY C 24 -24.22 -4.60 14.03
N ILE C 25 -23.24 -4.18 13.22
CA ILE C 25 -21.91 -3.92 13.74
C ILE C 25 -21.95 -2.78 14.76
N GLY C 26 -22.74 -1.74 14.49
CA GLY C 26 -22.79 -0.62 15.43
C GLY C 26 -23.28 -1.03 16.80
N LEU C 27 -24.24 -1.95 16.87
CA LEU C 27 -24.75 -2.42 18.16
C LEU C 27 -23.71 -3.29 18.86
N GLY C 28 -23.04 -4.16 18.10
CA GLY C 28 -21.92 -4.90 18.68
C GLY C 28 -20.84 -3.99 19.22
N ILE C 29 -20.57 -2.89 18.52
CA ILE C 29 -19.60 -1.91 19.03
C ILE C 29 -20.14 -1.27 20.31
N ALA C 30 -21.42 -0.88 20.32
CA ALA C 30 -21.97 -0.21 21.49
C ALA C 30 -21.92 -1.11 22.72
N ARG C 31 -22.31 -2.39 22.55
CA ARG C 31 -22.23 -3.35 23.65
C ARG C 31 -20.81 -3.47 24.20
N ALA C 32 -19.82 -3.53 23.30
CA ALA C 32 -18.44 -3.68 23.75
C ALA C 32 -17.97 -2.45 24.50
N LEU C 33 -18.31 -1.25 24.01
CA LEU C 33 -17.93 -0.03 24.71
C LEU C 33 -18.65 0.10 26.06
N ALA C 34 -19.94 -0.23 26.12
CA ALA C 34 -20.63 -0.23 27.41
C ALA C 34 -19.98 -1.21 28.39
N ALA C 35 -19.52 -2.36 27.89
CA ALA C 35 -18.88 -3.33 28.77
C ALA C 35 -17.53 -2.82 29.29
N LYS C 36 -16.80 -2.06 28.47
CA LYS C 36 -15.54 -1.47 28.91
C LYS C 36 -15.74 -0.22 29.76
N GLY C 37 -16.98 0.21 29.98
CA GLY C 37 -17.26 1.31 30.87
C GLY C 37 -17.64 2.65 30.24
N PHE C 38 -18.02 2.68 28.97
CA PHE C 38 -18.42 3.92 28.32
C PHE C 38 -19.92 4.19 28.52
N ASP C 39 -20.27 5.44 28.76
CA ASP C 39 -21.62 5.90 28.49
C ASP C 39 -21.81 6.02 26.97
N LEU C 40 -23.06 5.86 26.52
CA LEU C 40 -23.34 5.69 25.09
C LEU C 40 -24.37 6.70 24.58
N ALA C 41 -24.00 7.40 23.52
CA ALA C 41 -24.90 8.19 22.70
C ALA C 41 -25.03 7.46 21.37
N ILE C 42 -26.20 6.88 21.12
CA ILE C 42 -26.47 6.11 19.91
C ILE C 42 -27.25 6.99 18.95
N THR C 43 -26.86 6.98 17.68
CA THR C 43 -27.67 7.60 16.64
C THR C 43 -28.08 6.55 15.61
N ASP C 44 -29.23 6.82 14.99
CA ASP C 44 -29.75 5.99 13.92
C ASP C 44 -30.97 6.71 13.34
N ARG C 45 -31.43 6.22 12.19
CA ARG C 45 -32.59 6.82 11.54
C ARG C 45 -33.87 6.59 12.34
N GLU C 46 -34.00 5.43 12.98
CA GLU C 46 -35.13 5.14 13.85
C GLU C 46 -34.63 4.44 15.11
N SER C 47 -35.44 4.46 16.14
CA SER C 47 -35.03 3.87 17.41
C SER C 47 -35.51 2.43 17.52
N ASP C 48 -34.84 1.68 18.40
CA ASP C 48 -35.29 0.35 18.82
C ASP C 48 -35.26 0.35 20.34
N GLU C 49 -36.43 0.40 20.97
CA GLU C 49 -36.47 0.53 22.42
C GLU C 49 -35.93 -0.71 23.12
N ALA C 50 -36.13 -1.90 22.53
CA ALA C 50 -35.53 -3.10 23.11
C ALA C 50 -34.01 -3.00 23.10
N VAL C 51 -33.43 -2.42 22.04
CA VAL C 51 -31.97 -2.25 21.99
C VAL C 51 -31.49 -1.36 23.13
N ILE C 52 -32.14 -0.21 23.31
CA ILE C 52 -31.72 0.73 24.35
C ILE C 52 -31.80 0.09 25.71
N HIS C 53 -32.85 -0.70 25.94
CA HIS C 53 -33.00 -1.42 27.20
C HIS C 53 -31.87 -2.42 27.39
N GLU C 54 -31.60 -3.22 26.37
CA GLU C 54 -30.49 -4.19 26.44
C GLU C 54 -29.19 -3.49 26.79
N LEU C 55 -28.87 -2.41 26.09
CA LEU C 55 -27.62 -1.71 26.35
C LEU C 55 -27.61 -1.10 27.75
N ARG C 56 -28.77 -0.64 28.22
CA ARG C 56 -28.86 -0.09 29.57
C ARG C 56 -28.66 -1.17 30.64
N GLY C 57 -28.94 -2.43 30.31
CA GLY C 57 -28.69 -3.53 31.20
C GLY C 57 -27.23 -3.84 31.44
N LEU C 58 -26.34 -3.16 30.75
CA LEU C 58 -24.91 -3.30 30.99
C LEU C 58 -24.38 -2.30 32.01
N GLY C 59 -25.24 -1.45 32.58
CA GLY C 59 -24.90 -0.67 33.75
C GLY C 59 -24.60 0.80 33.52
N GLY C 60 -24.49 1.25 32.27
CA GLY C 60 -24.15 2.62 31.97
C GLY C 60 -25.33 3.46 31.51
N LYS C 61 -25.03 4.74 31.27
CA LYS C 61 -26.01 5.68 30.74
C LYS C 61 -26.06 5.53 29.22
N VAL C 62 -27.28 5.46 28.67
CA VAL C 62 -27.50 5.23 27.24
C VAL C 62 -28.61 6.17 26.76
N ALA C 63 -28.34 6.94 25.71
CA ALA C 63 -29.33 7.82 25.14
C ALA C 63 -29.33 7.70 23.63
N PHE C 64 -30.51 7.84 23.03
CA PHE C 64 -30.67 7.72 21.58
C PHE C 64 -30.89 9.09 20.97
N PHE C 65 -30.28 9.32 19.80
CA PHE C 65 -30.42 10.59 19.08
C PHE C 65 -30.76 10.30 17.63
N LYS C 66 -31.93 10.77 17.19
CA LYS C 66 -32.41 10.48 15.84
C LYS C 66 -31.65 11.34 14.83
N SER C 67 -31.08 10.71 13.81
CA SER C 67 -30.21 11.44 12.91
C SER C 67 -30.16 10.72 11.56
N ASP C 68 -30.25 11.49 10.49
CA ASP C 68 -29.94 10.99 9.16
C ASP C 68 -28.52 11.46 8.87
N LEU C 69 -27.58 10.50 8.83
CA LEU C 69 -26.18 10.83 8.57
C LEU C 69 -26.00 11.67 7.31
N ALA C 70 -26.84 11.48 6.30
CA ALA C 70 -26.71 12.26 5.07
C ALA C 70 -27.21 13.70 5.23
N ALA C 71 -27.96 14.01 6.30
CA ALA C 71 -28.53 15.36 6.44
C ALA C 71 -27.54 16.24 7.19
N VAL C 72 -26.53 16.75 6.46
CA VAL C 72 -25.40 17.39 7.12
C VAL C 72 -25.79 18.68 7.83
N LYS C 73 -26.89 19.31 7.43
CA LYS C 73 -27.33 20.53 8.10
C LYS C 73 -27.88 20.28 9.49
N THR C 74 -28.18 19.03 9.85
CA THR C 74 -28.70 18.71 11.18
C THR C 74 -27.62 18.24 12.14
N HIS C 75 -26.37 18.08 11.66
CA HIS C 75 -25.34 17.46 12.48
C HIS C 75 -24.98 18.34 13.68
N GLU C 76 -24.88 19.66 13.48
CA GLU C 76 -24.52 20.51 14.60
C GLU C 76 -25.54 20.40 15.72
N ALA C 77 -26.83 20.33 15.37
CA ALA C 77 -27.87 20.17 16.38
C ALA C 77 -27.74 18.82 17.08
N THR C 78 -27.39 17.77 16.34
CA THR C 78 -27.22 16.47 16.96
C THR C 78 -26.08 16.49 17.97
N VAL C 79 -24.96 17.14 17.62
CA VAL C 79 -23.82 17.24 18.51
C VAL C 79 -24.18 18.07 19.75
N PHE C 80 -24.94 19.16 19.56
CA PHE C 80 -25.46 19.92 20.70
C PHE C 80 -26.27 19.04 21.63
N ALA C 81 -27.11 18.17 21.07
CA ALA C 81 -27.95 17.33 21.92
C ALA C 81 -27.11 16.33 22.70
N VAL C 82 -26.07 15.79 22.07
CA VAL C 82 -25.18 14.87 22.75
C VAL C 82 -24.45 15.58 23.89
N LEU C 83 -23.91 16.78 23.60
CA LEU C 83 -23.20 17.54 24.62
C LEU C 83 -24.11 17.93 25.77
N ASP C 84 -25.36 18.28 25.47
CA ASP C 84 -26.23 18.66 26.57
C ASP C 84 -26.58 17.46 27.44
N ALA C 85 -26.60 16.25 26.88
CA ALA C 85 -26.95 15.08 27.67
C ALA C 85 -25.76 14.48 28.41
N PHE C 86 -24.54 14.68 27.90
CA PHE C 86 -23.37 14.01 28.46
C PHE C 86 -22.23 14.94 28.86
N GLY C 87 -22.22 16.20 28.42
CA GLY C 87 -21.13 17.12 28.72
C GLY C 87 -19.94 17.07 27.78
N GLY C 88 -19.64 15.91 27.19
CA GLY C 88 -18.52 15.80 26.28
C GLY C 88 -18.60 14.54 25.46
N ILE C 89 -17.74 14.46 24.46
CA ILE C 89 -17.60 13.28 23.60
C ILE C 89 -16.14 12.84 23.64
N ASP C 90 -15.92 11.60 24.07
CA ASP C 90 -14.55 11.07 24.12
C ASP C 90 -14.23 10.16 22.95
N CYS C 91 -15.22 9.42 22.47
CA CYS C 91 -15.02 8.47 21.38
C CYS C 91 -16.13 8.67 20.36
N LEU C 92 -15.75 8.85 19.10
CA LEU C 92 -16.68 8.84 17.98
C LEU C 92 -16.42 7.58 17.18
N VAL C 93 -17.46 6.78 16.98
CA VAL C 93 -17.41 5.61 16.11
C VAL C 93 -18.29 5.91 14.92
N ASN C 94 -17.66 6.11 13.75
CA ASN C 94 -18.36 6.35 12.50
C ASN C 94 -18.70 4.99 11.92
N ASN C 95 -19.88 4.49 12.26
CA ASN C 95 -20.28 3.16 11.84
C ASN C 95 -21.40 3.16 10.80
N ALA C 96 -22.29 4.15 10.83
CA ALA C 96 -23.46 4.08 9.96
C ALA C 96 -23.05 4.06 8.50
N GLY C 97 -23.74 3.24 7.72
CA GLY C 97 -23.43 3.15 6.30
C GLY C 97 -24.43 2.23 5.63
N MET C 98 -24.36 2.20 4.30
CA MET C 98 -25.27 1.37 3.53
C MET C 98 -24.51 0.72 2.39
N GLY C 99 -25.01 -0.43 1.95
CA GLY C 99 -24.48 -1.05 0.76
C GLY C 99 -25.04 -0.39 -0.49
N ALA C 100 -24.53 -0.83 -1.64
CA ALA C 100 -25.00 -0.31 -2.92
C ALA C 100 -26.49 -0.56 -3.09
N VAL C 101 -27.17 0.41 -3.73
CA VAL C 101 -28.62 0.28 -3.94
C VAL C 101 -28.94 -0.92 -4.81
N GLU C 102 -28.20 -1.10 -5.91
CA GLU C 102 -28.42 -2.19 -6.85
C GLU C 102 -27.09 -2.69 -7.38
N ARG C 103 -26.73 -3.94 -7.04
CA ARG C 103 -25.54 -4.57 -7.60
C ARG C 103 -25.74 -4.92 -9.07
N GLY C 104 -24.74 -4.64 -9.89
CA GLY C 104 -24.82 -4.96 -11.31
C GLY C 104 -23.65 -4.39 -12.08
N ASP C 105 -23.73 -4.56 -13.40
CA ASP C 105 -22.70 -4.07 -14.31
C ASP C 105 -22.44 -2.58 -14.09
N PHE C 106 -21.16 -2.22 -13.99
CA PHE C 106 -20.82 -0.80 -13.90
C PHE C 106 -21.47 0.00 -15.02
N LEU C 107 -21.64 -0.60 -16.20
CA LEU C 107 -22.28 0.11 -17.30
C LEU C 107 -23.72 0.49 -16.99
N ALA C 108 -24.36 -0.19 -16.04
CA ALA C 108 -25.73 0.13 -15.67
C ALA C 108 -25.84 0.97 -14.42
N LEU C 109 -24.72 1.29 -13.76
CA LEU C 109 -24.76 2.09 -12.55
C LEU C 109 -25.50 3.41 -12.79
N LYS C 110 -26.42 3.74 -11.89
CA LYS C 110 -27.17 4.98 -12.06
C LYS C 110 -26.59 6.08 -11.19
N PRO C 111 -26.49 7.31 -11.73
CA PRO C 111 -25.96 8.41 -10.90
C PRO C 111 -26.76 8.66 -9.63
N GLU C 112 -28.09 8.53 -9.66
CA GLU C 112 -28.86 8.75 -8.43
CA GLU C 112 -28.88 8.74 -8.44
C GLU C 112 -28.46 7.77 -7.35
N ASN C 113 -28.17 6.52 -7.73
CA ASN C 113 -27.77 5.52 -6.74
C ASN C 113 -26.36 5.80 -6.22
N PHE C 114 -25.46 6.19 -7.12
CA PHE C 114 -24.14 6.65 -6.72
C PHE C 114 -24.26 7.79 -5.70
N ASP C 115 -25.12 8.76 -5.98
CA ASP C 115 -25.28 9.90 -5.07
C ASP C 115 -25.80 9.48 -3.70
N THR C 116 -26.82 8.61 -3.68
CA THR C 116 -27.37 8.18 -2.41
C THR C 116 -26.29 7.61 -1.51
N ILE C 117 -25.49 6.68 -2.04
CA ILE C 117 -24.54 6.00 -1.17
C ILE C 117 -23.35 6.90 -0.83
N MET C 118 -22.95 7.79 -1.74
CA MET C 118 -21.89 8.74 -1.41
C MET C 118 -22.36 9.74 -0.36
N ASP C 119 -23.62 10.16 -0.44
CA ASP C 119 -24.17 11.11 0.53
C ASP C 119 -24.15 10.56 1.94
N VAL C 120 -24.41 9.26 2.09
CA VAL C 120 -24.41 8.63 3.41
C VAL C 120 -23.00 8.24 3.85
N ASN C 121 -22.39 7.31 3.11
CA ASN C 121 -21.15 6.69 3.59
C ASN C 121 -20.00 7.69 3.65
N LEU C 122 -19.86 8.55 2.65
CA LEU C 122 -18.68 9.40 2.55
C LEU C 122 -18.96 10.84 2.96
N ARG C 123 -19.85 11.52 2.23
CA ARG C 123 -20.17 12.91 2.54
C ARG C 123 -20.73 13.05 3.95
N GLY C 124 -21.72 12.21 4.30
CA GLY C 124 -22.30 12.29 5.63
C GLY C 124 -21.30 12.02 6.73
N THR C 125 -20.49 10.97 6.57
CA THR C 125 -19.49 10.65 7.58
C THR C 125 -18.51 11.80 7.77
N VAL C 126 -18.08 12.41 6.67
CA VAL C 126 -17.05 13.44 6.75
C VAL C 126 -17.56 14.67 7.51
N PHE C 127 -18.79 15.12 7.19
CA PHE C 127 -19.29 16.30 7.87
C PHE C 127 -19.89 15.98 9.24
N PHE C 128 -20.35 14.75 9.49
CA PHE C 128 -20.68 14.42 10.87
C PHE C 128 -19.43 14.44 11.73
N THR C 129 -18.32 13.91 11.20
CA THR C 129 -17.06 13.97 11.92
C THR C 129 -16.62 15.41 12.17
N GLN C 130 -16.75 16.27 11.16
CA GLN C 130 -16.40 17.68 11.34
C GLN C 130 -17.17 18.30 12.51
N ALA C 131 -18.48 18.03 12.60
CA ALA C 131 -19.28 18.59 13.68
C ALA C 131 -18.82 18.09 15.04
N VAL C 132 -18.49 16.80 15.16
CA VAL C 132 -18.05 16.24 16.43
C VAL C 132 -16.68 16.77 16.81
N VAL C 133 -15.75 16.83 15.84
CA VAL C 133 -14.41 17.32 16.10
C VAL C 133 -14.44 18.77 16.59
N LYS C 134 -15.34 19.58 16.05
CA LYS C 134 -15.51 20.93 16.58
C LYS C 134 -15.73 20.91 18.07
N ALA C 135 -16.60 20.01 18.55
CA ALA C 135 -16.85 19.92 19.99
C ALA C 135 -15.64 19.37 20.73
N MET C 136 -15.02 18.30 20.20
CA MET C 136 -13.87 17.73 20.90
C MET C 136 -12.76 18.76 21.06
N LEU C 137 -12.48 19.54 20.01
CA LEU C 137 -11.42 20.54 20.11
C LEU C 137 -11.78 21.69 21.06
N ALA C 138 -13.06 21.92 21.32
CA ALA C 138 -13.46 22.96 22.27
C ALA C 138 -13.63 22.43 23.69
N ALA C 139 -13.38 21.14 23.91
CA ALA C 139 -13.57 20.59 25.24
C ALA C 139 -12.68 21.30 26.24
N ASP C 140 -13.30 21.80 27.31
CA ASP C 140 -12.55 22.46 28.39
C ASP C 140 -11.74 21.45 29.18
N GLU C 141 -12.29 20.27 29.45
CA GLU C 141 -11.59 19.23 30.19
C GLU C 141 -11.41 17.99 29.33
N VAL C 142 -10.24 17.35 29.47
CA VAL C 142 -9.93 16.11 28.76
C VAL C 142 -9.31 15.13 29.76
N ARG C 143 -10.14 14.25 30.35
CA ARG C 143 -9.67 13.34 31.37
C ARG C 143 -9.67 11.87 30.95
N PHE C 144 -10.17 11.55 29.77
CA PHE C 144 -10.23 10.18 29.27
C PHE C 144 -9.51 10.11 27.92
N PRO C 145 -9.01 8.94 27.54
CA PRO C 145 -8.46 8.80 26.18
C PRO C 145 -9.53 9.11 25.15
N ARG C 146 -9.11 9.70 24.05
CA ARG C 146 -10.04 10.13 23.01
C ARG C 146 -9.69 9.47 21.68
N SER C 147 -10.73 9.13 20.91
CA SER C 147 -10.50 8.45 19.66
C SER C 147 -11.62 8.75 18.68
N ILE C 148 -11.31 8.61 17.39
CA ILE C 148 -12.31 8.58 16.34
C ILE C 148 -12.02 7.32 15.53
N VAL C 149 -12.95 6.37 15.55
CA VAL C 149 -12.81 5.10 14.86
C VAL C 149 -13.83 5.07 13.74
N THR C 150 -13.35 4.91 12.51
CA THR C 150 -14.20 4.94 11.33
C THR C 150 -14.30 3.53 10.75
N ILE C 151 -15.52 3.03 10.63
CA ILE C 151 -15.78 1.71 10.08
C ILE C 151 -15.87 1.90 8.56
N SER C 152 -14.81 1.50 7.85
CA SER C 152 -14.88 1.55 6.40
C SER C 152 -15.31 0.19 5.88
N SER C 153 -14.38 -0.57 5.30
CA SER C 153 -14.64 -1.88 4.71
C SER C 153 -13.35 -2.37 4.05
N VAL C 154 -13.23 -3.69 3.93
CA VAL C 154 -12.20 -4.23 3.04
C VAL C 154 -12.44 -3.76 1.60
N SER C 155 -13.67 -3.36 1.27
CA SER C 155 -13.95 -2.80 -0.05
C SER C 155 -13.20 -1.50 -0.31
N SER C 156 -12.60 -0.88 0.72
CA SER C 156 -11.71 0.25 0.48
C SER C 156 -10.48 -0.17 -0.33
N VAL C 157 -10.06 -1.42 -0.20
CA VAL C 157 -8.79 -1.85 -0.79
C VAL C 157 -8.97 -3.09 -1.66
N MET C 158 -10.17 -3.68 -1.66
CA MET C 158 -10.51 -4.78 -2.56
C MET C 158 -11.71 -4.33 -3.38
N THR C 159 -11.57 -4.36 -4.70
CA THR C 159 -12.61 -3.83 -5.56
C THR C 159 -13.62 -4.93 -5.92
N SER C 160 -14.89 -4.53 -6.02
CA SER C 160 -15.97 -5.38 -6.53
C SER C 160 -16.61 -4.64 -7.68
N PRO C 161 -16.33 -5.04 -8.94
CA PRO C 161 -16.83 -4.27 -10.08
C PRO C 161 -18.34 -4.17 -10.18
N GLU C 162 -19.09 -5.00 -9.46
CA GLU C 162 -20.55 -4.94 -9.51
C GLU C 162 -21.13 -3.91 -8.55
N ARG C 163 -20.28 -3.26 -7.74
CA ARG C 163 -20.74 -2.24 -6.81
C ARG C 163 -19.63 -1.21 -6.58
N LEU C 164 -19.12 -0.63 -7.69
CA LEU C 164 -18.01 0.32 -7.57
C LEU C 164 -18.39 1.58 -6.81
N ASP C 165 -19.67 1.96 -6.77
CA ASP C 165 -20.05 3.11 -5.95
C ASP C 165 -19.81 2.85 -4.48
N TYR C 166 -20.15 1.65 -4.00
CA TYR C 166 -19.84 1.31 -2.61
C TYR C 166 -18.34 1.34 -2.36
N CYS C 167 -17.55 0.70 -3.24
CA CYS C 167 -16.10 0.69 -3.05
C CYS C 167 -15.53 2.10 -3.02
N ILE C 168 -15.95 2.94 -3.96
CA ILE C 168 -15.42 4.30 -4.02
C ILE C 168 -15.71 5.07 -2.74
N SER C 169 -16.93 4.95 -2.21
CA SER C 169 -17.27 5.66 -0.98
C SER C 169 -16.39 5.22 0.18
N LYS C 170 -16.05 3.93 0.24
CA LYS C 170 -15.25 3.44 1.35
C LYS C 170 -13.78 3.84 1.18
N ALA C 171 -13.24 3.73 -0.05
CA ALA C 171 -11.89 4.20 -0.31
C ALA C 171 -11.74 5.67 0.02
N GLY C 172 -12.79 6.46 -0.22
CA GLY C 172 -12.74 7.86 0.16
C GLY C 172 -12.58 8.02 1.66
N LEU C 173 -13.24 7.16 2.44
CA LEU C 173 -13.07 7.20 3.89
C LEU C 173 -11.63 6.89 4.28
N THR C 174 -11.02 5.90 3.62
CA THR C 174 -9.61 5.58 3.89
C THR C 174 -8.75 6.83 3.79
N ALA C 175 -8.92 7.59 2.71
CA ALA C 175 -8.17 8.83 2.55
C ALA C 175 -8.52 9.83 3.65
N PHE C 176 -9.80 9.94 3.97
CA PHE C 176 -10.22 10.91 4.97
C PHE C 176 -9.59 10.62 6.34
N VAL C 177 -9.51 9.34 6.72
CA VAL C 177 -8.93 8.97 8.02
C VAL C 177 -7.47 9.43 8.11
N GLN C 178 -6.70 9.27 7.04
CA GLN C 178 -5.29 9.64 7.08
C GLN C 178 -5.11 11.13 7.34
N GLY C 179 -5.89 11.96 6.65
CA GLY C 179 -5.83 13.39 6.88
C GLY C 179 -6.35 13.78 8.26
N LEU C 180 -7.42 13.13 8.70
CA LEU C 180 -7.98 13.43 10.02
C LEU C 180 -6.99 13.09 11.12
N ALA C 181 -6.26 11.98 10.96
CA ALA C 181 -5.25 11.61 11.95
C ALA C 181 -4.22 12.72 12.11
N LEU C 182 -3.73 13.27 11.00
CA LEU C 182 -2.79 14.38 11.07
C LEU C 182 -3.39 15.61 11.73
N ARG C 183 -4.64 15.94 11.38
CA ARG C 183 -5.26 17.14 11.92
C ARG C 183 -5.40 17.04 13.44
N LEU C 184 -5.61 15.84 13.98
CA LEU C 184 -5.91 15.64 15.39
C LEU C 184 -4.72 15.11 16.21
N ALA C 185 -3.52 15.06 15.62
CA ALA C 185 -2.38 14.46 16.30
C ALA C 185 -1.97 15.26 17.54
N GLU C 186 -1.91 16.59 17.44
CA GLU C 186 -1.54 17.40 18.60
C GLU C 186 -2.64 17.42 19.65
N ALA C 187 -3.90 17.19 19.27
CA ALA C 187 -4.96 17.12 20.25
C ALA C 187 -5.00 15.78 20.98
N ARG C 188 -4.13 14.84 20.59
CA ARG C 188 -4.04 13.52 21.20
C ARG C 188 -5.39 12.80 21.13
N ILE C 189 -6.00 12.84 19.95
CA ILE C 189 -7.17 12.07 19.60
C ILE C 189 -6.71 10.97 18.66
N GLY C 190 -6.78 9.72 19.10
CA GLY C 190 -6.34 8.62 18.24
C GLY C 190 -7.34 8.40 17.12
N VAL C 191 -6.84 8.36 15.89
CA VAL C 191 -7.70 8.30 14.70
C VAL C 191 -7.38 7.00 13.94
N PHE C 192 -8.39 6.13 13.79
CA PHE C 192 -8.17 4.79 13.28
C PHE C 192 -9.22 4.43 12.24
N GLU C 193 -8.84 3.52 11.35
CA GLU C 193 -9.74 2.93 10.38
C GLU C 193 -9.88 1.45 10.69
N VAL C 194 -11.11 0.96 10.70
CA VAL C 194 -11.37 -0.47 10.87
C VAL C 194 -12.08 -0.95 9.62
N ARG C 195 -11.56 -2.03 9.04
CA ARG C 195 -12.07 -2.56 7.77
C ARG C 195 -12.70 -3.93 8.01
N PRO C 196 -14.00 -4.02 8.25
CA PRO C 196 -14.61 -5.33 8.41
C PRO C 196 -14.64 -6.07 7.08
N GLY C 197 -14.55 -7.39 7.16
CA GLY C 197 -14.64 -8.21 5.97
C GLY C 197 -16.04 -8.72 5.72
N ILE C 198 -16.34 -9.94 6.14
CA ILE C 198 -17.63 -10.58 5.92
C ILE C 198 -18.25 -10.83 7.29
N ILE C 199 -19.15 -9.95 7.71
CA ILE C 199 -19.74 -9.97 9.03
C ILE C 199 -21.22 -10.34 8.91
N ARG C 200 -21.71 -11.13 9.86
CA ARG C 200 -23.09 -11.58 9.85
C ARG C 200 -23.97 -10.45 10.38
N THR C 201 -24.57 -9.69 9.46
CA THR C 201 -25.55 -8.65 9.79
C THR C 201 -26.61 -8.63 8.69
N ASP C 202 -27.54 -7.69 8.81
CA ASP C 202 -28.56 -7.51 7.79
C ASP C 202 -27.96 -7.09 6.45
N MET C 203 -26.82 -6.39 6.48
CA MET C 203 -26.23 -5.93 5.22
C MET C 203 -25.71 -7.09 4.37
N THR C 204 -25.44 -8.24 4.98
CA THR C 204 -24.98 -9.41 4.25
C THR C 204 -26.02 -10.52 4.19
N ALA C 205 -27.23 -10.29 4.71
CA ALA C 205 -28.25 -11.35 4.72
C ALA C 205 -28.67 -11.75 3.31
N LYS C 206 -28.74 -10.80 2.39
CA LYS C 206 -29.22 -11.13 1.03
C LYS C 206 -28.19 -11.94 0.25
N VAL C 207 -26.91 -11.75 0.54
CA VAL C 207 -25.84 -12.50 -0.09
C VAL C 207 -25.34 -13.63 0.82
N ALA C 208 -26.15 -14.04 1.80
CA ALA C 208 -25.65 -14.94 2.85
C ALA C 208 -25.33 -16.33 2.30
N ALA C 209 -26.14 -16.82 1.36
CA ALA C 209 -25.93 -18.17 0.83
C ALA C 209 -24.62 -18.24 0.05
N ARG C 210 -24.34 -17.24 -0.78
CA ARG C 210 -23.09 -17.23 -1.54
C ARG C 210 -21.89 -17.15 -0.60
N TYR C 211 -21.94 -16.22 0.36
CA TYR C 211 -20.83 -16.07 1.30
C TYR C 211 -20.62 -17.34 2.13
N ASP C 212 -21.70 -18.07 2.41
CA ASP C 212 -21.57 -19.37 3.08
C ASP C 212 -20.63 -20.29 2.31
N ALA C 213 -20.95 -20.55 1.04
CA ALA C 213 -20.12 -21.44 0.25
C ALA C 213 -18.73 -20.87 0.03
N LEU C 214 -18.60 -19.56 -0.09
CA LEU C 214 -17.28 -18.96 -0.22
C LEU C 214 -16.46 -19.18 1.04
N ILE C 215 -17.11 -19.13 2.20
CA ILE C 215 -16.41 -19.36 3.46
C ILE C 215 -16.06 -20.83 3.63
N GLU C 216 -16.95 -21.74 3.21
CA GLU C 216 -16.60 -23.16 3.23
C GLU C 216 -15.49 -23.48 2.23
N GLY C 217 -15.41 -22.73 1.13
CA GLY C 217 -14.38 -22.90 0.15
C GLY C 217 -13.04 -22.30 0.50
N GLY C 218 -12.95 -21.58 1.61
CA GLY C 218 -11.69 -21.09 2.11
C GLY C 218 -11.40 -19.63 1.85
N LEU C 219 -12.38 -18.87 1.34
CA LEU C 219 -12.12 -17.47 0.99
C LEU C 219 -11.58 -16.69 2.18
N VAL C 220 -12.14 -16.94 3.36
CA VAL C 220 -11.71 -16.30 4.60
C VAL C 220 -10.73 -17.26 5.28
N PRO C 221 -9.47 -16.88 5.47
CA PRO C 221 -8.50 -17.80 6.08
C PRO C 221 -8.93 -18.38 7.43
N MET C 222 -9.58 -17.60 8.29
CA MET C 222 -10.06 -18.15 9.55
C MET C 222 -11.35 -18.96 9.43
N LYS C 223 -11.96 -19.02 8.24
CA LYS C 223 -13.03 -19.98 7.94
C LYS C 223 -14.22 -19.87 8.89
N ARG C 224 -14.68 -18.64 9.11
CA ARG C 224 -15.95 -18.42 9.77
C ARG C 224 -16.43 -17.01 9.44
N TRP C 225 -17.73 -16.81 9.61
CA TRP C 225 -18.27 -15.46 9.58
C TRP C 225 -17.68 -14.63 10.71
N GLY C 226 -17.45 -13.34 10.43
CA GLY C 226 -17.24 -12.40 11.49
C GLY C 226 -18.54 -12.07 12.21
N GLU C 227 -18.44 -11.78 13.50
CA GLU C 227 -19.58 -11.32 14.26
C GLU C 227 -19.40 -9.85 14.60
N ALA C 228 -20.53 -9.17 14.84
CA ALA C 228 -20.48 -7.80 15.31
C ALA C 228 -19.64 -7.67 16.58
N SER C 229 -19.61 -8.71 17.41
CA SER C 229 -18.78 -8.69 18.61
C SER C 229 -17.29 -8.72 18.28
N ASP C 230 -16.90 -9.26 17.13
CA ASP C 230 -15.50 -9.19 16.72
C ASP C 230 -15.08 -7.74 16.46
N VAL C 231 -15.84 -7.03 15.63
CA VAL C 231 -15.57 -5.62 15.36
C VAL C 231 -15.64 -4.82 16.67
N GLY C 232 -16.61 -5.16 17.53
CA GLY C 232 -16.78 -4.42 18.76
C GLY C 232 -15.57 -4.55 19.68
N ALA C 233 -15.05 -5.77 19.83
CA ALA C 233 -13.88 -5.98 20.67
C ALA C 233 -12.68 -5.18 20.15
N ILE C 234 -12.51 -5.16 18.83
CA ILE C 234 -11.44 -4.37 18.21
C ILE C 234 -11.64 -2.89 18.47
N VAL C 235 -12.83 -2.37 18.19
CA VAL C 235 -13.07 -0.95 18.38
C VAL C 235 -12.90 -0.55 19.84
N ALA C 236 -13.42 -1.37 20.76
CA ALA C 236 -13.27 -1.05 22.18
C ALA C 236 -11.80 -1.07 22.59
N GLY C 237 -11.01 -1.97 22.00
CA GLY C 237 -9.57 -1.95 22.26
C GLY C 237 -8.92 -0.66 21.81
N LEU C 238 -9.28 -0.19 20.61
CA LEU C 238 -8.74 1.08 20.12
C LEU C 238 -9.20 2.27 20.95
N ALA C 239 -10.42 2.23 21.52
CA ALA C 239 -10.96 3.35 22.26
C ALA C 239 -10.43 3.45 23.68
N GLY C 240 -9.80 2.39 24.20
CA GLY C 240 -9.31 2.39 25.57
C GLY C 240 -8.10 3.25 25.83
N GLY C 241 -7.40 3.67 24.78
CA GLY C 241 -6.26 4.58 24.91
C GLY C 241 -4.90 3.94 24.70
N ASP C 242 -4.80 2.61 24.70
CA ASP C 242 -3.49 1.96 24.54
C ASP C 242 -2.91 2.15 23.15
N PHE C 243 -3.70 2.62 22.19
CA PHE C 243 -3.25 2.75 20.81
C PHE C 243 -3.09 4.22 20.38
N ILE C 244 -2.98 5.14 21.33
CA ILE C 244 -2.90 6.56 20.97
C ILE C 244 -1.69 6.82 20.08
N PHE C 245 -0.55 6.19 20.36
CA PHE C 245 0.63 6.42 19.53
C PHE C 245 0.55 5.68 18.20
N ALA C 246 -0.49 4.88 18.00
CA ALA C 246 -0.73 4.23 16.74
C ALA C 246 -1.71 4.99 15.85
N THR C 247 -1.89 6.29 16.09
CA THR C 247 -2.88 7.04 15.31
C THR C 247 -2.53 6.96 13.83
N GLY C 248 -3.56 6.82 13.00
CA GLY C 248 -3.40 6.63 11.58
C GLY C 248 -3.43 5.18 11.12
N SER C 249 -3.39 4.22 12.06
CA SER C 249 -3.36 2.81 11.70
C SER C 249 -4.72 2.34 11.18
N ALA C 250 -4.68 1.36 10.28
CA ALA C 250 -5.86 0.69 9.76
C ALA C 250 -5.86 -0.75 10.24
N ILE C 251 -6.99 -1.21 10.78
CA ILE C 251 -7.15 -2.57 11.30
C ILE C 251 -8.10 -3.31 10.38
N HIS C 252 -7.72 -4.53 9.99
CA HIS C 252 -8.54 -5.35 9.10
C HIS C 252 -9.33 -6.34 9.96
N ALA C 253 -10.62 -6.10 10.14
CA ALA C 253 -11.46 -6.99 10.96
C ALA C 253 -12.17 -8.01 10.07
N ASP C 254 -11.36 -8.93 9.52
CA ASP C 254 -11.82 -9.71 8.38
C ASP C 254 -11.34 -11.15 8.41
N GLY C 255 -10.77 -11.63 9.52
CA GLY C 255 -10.25 -12.97 9.61
C GLY C 255 -9.22 -13.29 8.53
N GLY C 256 -8.53 -12.27 8.04
CA GLY C 256 -7.47 -12.47 7.05
C GLY C 256 -7.92 -12.37 5.61
N LEU C 257 -9.19 -12.01 5.36
CA LEU C 257 -9.73 -11.98 4.01
C LEU C 257 -8.89 -11.13 3.06
N SER C 258 -8.44 -9.96 3.53
CA SER C 258 -7.76 -9.00 2.65
C SER C 258 -6.26 -9.23 2.57
N ILE C 259 -5.75 -10.30 3.18
CA ILE C 259 -4.34 -10.67 2.95
C ILE C 259 -4.17 -11.11 1.51
N ALA C 260 -3.36 -10.37 0.75
CA ALA C 260 -3.14 -10.74 -0.65
C ALA C 260 -2.32 -12.01 -0.72
N LYS C 261 -2.78 -12.96 -1.52
CA LYS C 261 -2.14 -14.27 -1.57
C LYS C 261 -2.16 -14.77 -3.01
N LEU C 262 -1.24 -15.67 -3.31
CA LEU C 262 -1.16 -16.35 -4.59
C LEU C 262 -0.95 -17.85 -4.36
N SER D 10 -13.23 2.44 -42.32
CA SER D 10 -12.32 2.16 -41.20
C SER D 10 -11.24 3.23 -41.06
N ARG D 11 -11.19 3.88 -39.90
CA ARG D 11 -10.22 4.93 -39.67
C ARG D 11 -8.81 4.36 -39.66
N GLN D 12 -7.84 5.19 -40.08
CA GLN D 12 -6.47 4.73 -40.31
C GLN D 12 -5.50 5.17 -39.23
N ARG D 13 -5.88 6.10 -38.35
CA ARG D 13 -5.13 6.52 -37.18
C ARG D 13 -5.99 6.30 -35.93
N PRO D 14 -5.38 5.96 -34.79
CA PRO D 14 -6.15 5.84 -33.55
C PRO D 14 -6.62 7.20 -33.07
N VAL D 15 -7.66 7.19 -32.27
CA VAL D 15 -8.29 8.41 -31.78
C VAL D 15 -8.19 8.44 -30.26
N ALA D 16 -7.65 9.54 -29.73
CA ALA D 16 -7.60 9.76 -28.29
C ALA D 16 -8.57 10.87 -27.91
N LEU D 17 -9.32 10.64 -26.84
CA LEU D 17 -10.25 11.63 -26.29
C LEU D 17 -9.63 12.12 -24.99
N VAL D 18 -9.20 13.37 -24.97
CA VAL D 18 -8.52 13.94 -23.82
C VAL D 18 -9.42 15.00 -23.20
N THR D 19 -9.84 14.76 -21.94
CA THR D 19 -10.70 15.75 -21.29
C THR D 19 -9.83 16.83 -20.65
N GLY D 20 -10.37 18.05 -20.65
CA GLY D 20 -9.62 19.18 -20.11
C GLY D 20 -8.34 19.45 -20.85
N GLY D 21 -8.36 19.30 -22.18
CA GLY D 21 -7.12 19.35 -22.92
C GLY D 21 -6.71 20.68 -23.52
N ARG D 22 -7.28 21.81 -23.10
CA ARG D 22 -6.96 23.09 -23.72
CA ARG D 22 -6.97 23.10 -23.71
C ARG D 22 -5.71 23.75 -23.15
N ARG D 23 -5.22 23.29 -21.99
CA ARG D 23 -4.01 23.86 -21.40
C ARG D 23 -3.46 22.87 -20.40
N GLY D 24 -2.30 23.22 -19.81
CA GLY D 24 -1.74 22.44 -18.71
C GLY D 24 -1.38 21.02 -19.10
N ILE D 25 -1.65 20.09 -18.18
CA ILE D 25 -1.26 18.68 -18.35
C ILE D 25 -2.03 18.04 -19.51
N GLY D 26 -3.33 18.32 -19.61
CA GLY D 26 -4.10 17.72 -20.68
C GLY D 26 -3.62 18.12 -22.06
N LEU D 27 -3.17 19.37 -22.21
CA LEU D 27 -2.60 19.82 -23.48
C LEU D 27 -1.26 19.13 -23.76
N GLY D 28 -0.41 19.02 -22.74
CA GLY D 28 0.83 18.26 -22.91
C GLY D 28 0.61 16.82 -23.33
N ILE D 29 -0.42 16.18 -22.73
CA ILE D 29 -0.79 14.82 -23.12
C ILE D 29 -1.26 14.80 -24.57
N ALA D 30 -2.16 15.72 -24.93
CA ALA D 30 -2.65 15.80 -26.31
C ALA D 30 -1.49 15.96 -27.29
N ARG D 31 -0.55 16.86 -26.98
CA ARG D 31 0.61 17.04 -27.83
C ARG D 31 1.41 15.76 -27.96
N ALA D 32 1.60 15.04 -26.85
CA ALA D 32 2.40 13.83 -26.88
C ALA D 32 1.71 12.74 -27.69
N LEU D 33 0.39 12.65 -27.58
CA LEU D 33 -0.36 11.64 -28.34
C LEU D 33 -0.38 11.97 -29.82
N ALA D 34 -0.55 13.25 -30.17
CA ALA D 34 -0.48 13.64 -31.57
C ALA D 34 0.87 13.29 -32.18
N ALA D 35 1.96 13.55 -31.45
CA ALA D 35 3.28 13.19 -31.95
C ALA D 35 3.44 11.69 -32.12
N LYS D 36 2.69 10.89 -31.37
CA LYS D 36 2.73 9.44 -31.51
C LYS D 36 1.75 8.90 -32.56
N GLY D 37 1.09 9.78 -33.31
CA GLY D 37 0.23 9.35 -34.39
C GLY D 37 -1.26 9.25 -34.08
N PHE D 38 -1.72 9.88 -33.00
CA PHE D 38 -3.14 9.86 -32.64
C PHE D 38 -3.86 11.07 -33.23
N ASP D 39 -5.11 10.86 -33.64
CA ASP D 39 -5.99 11.99 -33.82
C ASP D 39 -6.59 12.37 -32.47
N LEU D 40 -7.04 13.61 -32.33
CA LEU D 40 -7.36 14.16 -31.02
C LEU D 40 -8.77 14.72 -30.96
N ALA D 41 -9.55 14.25 -29.99
CA ALA D 41 -10.80 14.88 -29.59
C ALA D 41 -10.57 15.50 -28.22
N ILE D 42 -10.62 16.82 -28.14
CA ILE D 42 -10.31 17.60 -26.94
C ILE D 42 -11.62 18.13 -26.35
N THR D 43 -11.75 18.08 -25.03
CA THR D 43 -12.84 18.74 -24.35
C THR D 43 -12.32 19.75 -23.34
N ASP D 44 -13.19 20.69 -22.99
CA ASP D 44 -12.99 21.61 -21.86
C ASP D 44 -14.30 22.35 -21.63
N ARG D 45 -14.37 23.04 -20.48
CA ARG D 45 -15.61 23.69 -20.07
C ARG D 45 -16.05 24.74 -21.07
N GLU D 46 -15.13 25.61 -21.46
CA GLU D 46 -15.45 26.76 -22.28
C GLU D 46 -14.84 26.59 -23.67
N SER D 47 -15.41 27.31 -24.63
CA SER D 47 -14.97 27.20 -26.02
C SER D 47 -13.50 27.59 -26.15
N ASP D 48 -12.85 27.00 -27.15
CA ASP D 48 -11.47 27.36 -27.46
C ASP D 48 -11.29 27.18 -28.96
N GLU D 49 -11.05 28.28 -29.66
CA GLU D 49 -10.81 28.24 -31.10
C GLU D 49 -9.33 28.05 -31.45
N ALA D 50 -8.43 28.28 -30.51
CA ALA D 50 -7.00 28.37 -30.81
C ALA D 50 -6.22 27.08 -30.55
N VAL D 51 -6.68 26.24 -29.62
CA VAL D 51 -5.91 25.04 -29.28
C VAL D 51 -5.86 24.09 -30.48
N ILE D 52 -6.87 24.14 -31.35
CA ILE D 52 -6.88 23.30 -32.55
C ILE D 52 -5.70 23.65 -33.45
N HIS D 53 -5.48 24.94 -33.68
CA HIS D 53 -4.41 25.35 -34.59
C HIS D 53 -3.04 25.03 -34.01
N GLU D 54 -2.87 25.15 -32.68
CA GLU D 54 -1.61 24.73 -32.08
C GLU D 54 -1.37 23.24 -32.29
N LEU D 55 -2.38 22.41 -32.05
CA LEU D 55 -2.19 20.97 -32.17
C LEU D 55 -2.12 20.51 -33.61
N ARG D 56 -2.75 21.24 -34.53
CA ARG D 56 -2.77 20.80 -35.92
C ARG D 56 -1.39 20.81 -36.55
N GLY D 57 -0.48 21.62 -36.03
CA GLY D 57 0.89 21.62 -36.52
C GLY D 57 1.60 20.28 -36.40
N LEU D 58 1.04 19.34 -35.65
CA LEU D 58 1.64 18.03 -35.47
C LEU D 58 1.19 17.00 -36.52
N GLY D 59 0.29 17.38 -37.43
CA GLY D 59 -0.01 16.59 -38.61
C GLY D 59 -1.29 15.78 -38.58
N GLY D 60 -1.96 15.69 -37.43
CA GLY D 60 -3.15 14.87 -37.30
C GLY D 60 -4.44 15.67 -37.36
N LYS D 61 -5.54 14.96 -37.14
CA LYS D 61 -6.86 15.56 -37.06
C LYS D 61 -7.13 15.96 -35.61
N VAL D 62 -7.65 17.16 -35.40
CA VAL D 62 -7.94 17.69 -34.07
C VAL D 62 -9.34 18.29 -34.05
N ALA D 63 -10.11 18.00 -33.01
CA ALA D 63 -11.44 18.61 -32.86
C ALA D 63 -11.67 18.96 -31.39
N PHE D 64 -12.37 20.07 -31.16
CA PHE D 64 -12.68 20.52 -29.81
C PHE D 64 -14.17 20.32 -29.53
N PHE D 65 -14.50 19.95 -28.30
CA PHE D 65 -15.89 19.68 -27.91
C PHE D 65 -16.14 20.31 -26.55
N LYS D 66 -17.14 21.19 -26.48
CA LYS D 66 -17.50 21.84 -25.23
C LYS D 66 -18.18 20.83 -24.31
N SER D 67 -17.63 20.65 -23.10
CA SER D 67 -18.18 19.66 -22.18
C SER D 67 -17.82 20.03 -20.76
N ASP D 68 -18.83 20.15 -19.91
CA ASP D 68 -18.63 20.26 -18.48
C ASP D 68 -18.61 18.84 -17.93
N LEU D 69 -17.45 18.41 -17.44
CA LEU D 69 -17.30 17.05 -16.96
C LEU D 69 -18.31 16.71 -15.87
N ALA D 70 -18.69 17.69 -15.05
CA ALA D 70 -19.64 17.44 -13.97
C ALA D 70 -21.07 17.24 -14.46
N ALA D 71 -21.37 17.61 -15.71
CA ALA D 71 -22.73 17.63 -16.22
C ALA D 71 -23.04 16.30 -16.88
N VAL D 72 -23.34 15.29 -16.04
CA VAL D 72 -23.39 13.93 -16.53
C VAL D 72 -24.48 13.73 -17.58
N LYS D 73 -25.55 14.53 -17.54
CA LYS D 73 -26.62 14.33 -18.50
C LYS D 73 -26.21 14.76 -19.91
N THR D 74 -25.13 15.52 -20.04
CA THR D 74 -24.63 15.91 -21.36
C THR D 74 -23.63 14.94 -21.93
N HIS D 75 -23.13 14.00 -21.13
CA HIS D 75 -22.02 13.16 -21.57
C HIS D 75 -22.38 12.34 -22.81
N GLU D 76 -23.61 11.83 -22.87
CA GLU D 76 -23.98 10.98 -23.99
C GLU D 76 -23.88 11.75 -25.32
N ALA D 77 -24.37 12.98 -25.34
CA ALA D 77 -24.29 13.78 -26.56
C ALA D 77 -22.84 14.08 -26.93
N THR D 78 -22.01 14.37 -25.93
CA THR D 78 -20.60 14.61 -26.21
C THR D 78 -19.96 13.40 -26.87
N VAL D 79 -20.19 12.20 -26.33
CA VAL D 79 -19.58 11.00 -26.90
C VAL D 79 -20.10 10.76 -28.31
N PHE D 80 -21.39 10.94 -28.54
CA PHE D 80 -21.92 10.82 -29.90
C PHE D 80 -21.28 11.82 -30.85
N ALA D 81 -21.06 13.05 -30.38
CA ALA D 81 -20.40 14.06 -31.22
C ALA D 81 -18.98 13.62 -31.58
N VAL D 82 -18.29 12.97 -30.64
CA VAL D 82 -16.96 12.46 -30.90
C VAL D 82 -17.00 11.32 -31.92
N LEU D 83 -17.94 10.38 -31.72
CA LEU D 83 -18.07 9.29 -32.67
C LEU D 83 -18.39 9.79 -34.08
N ASP D 84 -19.25 10.81 -34.18
CA ASP D 84 -19.58 11.39 -35.48
C ASP D 84 -18.34 11.95 -36.18
N ALA D 85 -17.47 12.61 -35.41
CA ALA D 85 -16.32 13.24 -36.02
C ALA D 85 -15.19 12.25 -36.32
N PHE D 86 -15.05 11.19 -35.49
CA PHE D 86 -13.92 10.29 -35.59
C PHE D 86 -14.27 8.82 -35.83
N GLY D 87 -15.52 8.41 -35.68
CA GLY D 87 -15.87 7.03 -35.95
C GLY D 87 -15.65 6.10 -34.77
N GLY D 88 -14.66 6.39 -33.93
CA GLY D 88 -14.40 5.54 -32.78
C GLY D 88 -13.47 6.23 -31.80
N ILE D 89 -13.40 5.65 -30.59
CA ILE D 89 -12.49 6.12 -29.55
C ILE D 89 -11.58 4.97 -29.14
N ASP D 90 -10.27 5.20 -29.23
CA ASP D 90 -9.30 4.16 -28.90
C ASP D 90 -8.65 4.38 -27.55
N CYS D 91 -8.40 5.63 -27.19
CA CYS D 91 -7.76 5.96 -25.92
C CYS D 91 -8.55 7.09 -25.26
N LEU D 92 -8.97 6.86 -24.03
CA LEU D 92 -9.57 7.91 -23.20
C LEU D 92 -8.55 8.35 -22.15
N VAL D 93 -8.28 9.65 -22.10
CA VAL D 93 -7.49 10.24 -21.03
C VAL D 93 -8.42 11.08 -20.19
N ASN D 94 -8.69 10.61 -18.97
CA ASN D 94 -9.46 11.35 -17.95
C ASN D 94 -8.54 12.33 -17.26
N ASN D 95 -8.43 13.53 -17.81
CA ASN D 95 -7.50 14.52 -17.27
C ASN D 95 -8.19 15.68 -16.58
N ALA D 96 -9.41 16.04 -17.00
CA ALA D 96 -10.06 17.22 -16.44
C ALA D 96 -10.22 17.06 -14.93
N GLY D 97 -9.94 18.14 -14.22
CA GLY D 97 -10.12 18.18 -12.78
C GLY D 97 -9.89 19.59 -12.28
N MET D 98 -10.19 19.78 -11.00
CA MET D 98 -10.02 21.08 -10.35
C MET D 98 -9.46 20.90 -8.94
N GLY D 99 -8.69 21.90 -8.49
CA GLY D 99 -8.24 21.92 -7.12
C GLY D 99 -9.35 22.36 -6.18
N ALA D 100 -9.10 22.17 -4.88
CA ALA D 100 -10.05 22.60 -3.86
C ALA D 100 -10.44 24.06 -4.08
N VAL D 101 -11.72 24.37 -3.85
CA VAL D 101 -12.19 25.75 -3.99
C VAL D 101 -11.49 26.64 -2.97
N GLU D 102 -11.38 26.18 -1.74
CA GLU D 102 -10.64 26.88 -0.71
C GLU D 102 -9.70 25.90 -0.02
N ARG D 103 -8.48 26.35 0.23
CA ARG D 103 -7.62 25.66 1.17
C ARG D 103 -7.88 26.21 2.55
N GLY D 104 -7.69 25.39 3.55
CA GLY D 104 -7.91 25.84 4.92
C GLY D 104 -8.20 24.68 5.83
N ASP D 105 -8.38 25.03 7.10
CA ASP D 105 -8.67 24.05 8.13
C ASP D 105 -9.84 23.17 7.71
N PHE D 106 -9.69 21.86 7.91
CA PHE D 106 -10.79 20.94 7.70
C PHE D 106 -12.04 21.37 8.47
N LEU D 107 -11.85 22.01 9.63
CA LEU D 107 -13.00 22.45 10.43
C LEU D 107 -13.88 23.44 9.69
N ALA D 108 -13.32 24.14 8.70
CA ALA D 108 -14.05 25.14 7.95
C ALA D 108 -14.43 24.68 6.56
N LEU D 109 -14.17 23.42 6.21
CA LEU D 109 -14.53 22.94 4.88
C LEU D 109 -16.03 23.03 4.68
N LYS D 110 -16.43 23.59 3.54
CA LYS D 110 -17.86 23.76 3.30
C LYS D 110 -18.39 22.64 2.43
N PRO D 111 -19.55 22.08 2.77
CA PRO D 111 -20.11 20.98 1.95
C PRO D 111 -20.30 21.35 0.49
N GLU D 112 -20.70 22.60 0.21
CA GLU D 112 -20.91 23.04 -1.17
CA GLU D 112 -20.92 22.99 -1.17
C GLU D 112 -19.63 22.98 -1.98
N ASN D 113 -18.49 23.30 -1.35
CA ASN D 113 -17.21 23.25 -2.04
C ASN D 113 -16.71 21.82 -2.21
N PHE D 114 -16.91 21.01 -1.16
CA PHE D 114 -16.72 19.57 -1.27
C PHE D 114 -17.50 19.01 -2.47
N ASP D 115 -18.76 19.43 -2.61
CA ASP D 115 -19.60 18.90 -3.68
C ASP D 115 -19.07 19.28 -5.05
N THR D 116 -18.62 20.53 -5.22
CA THR D 116 -18.15 21.00 -6.51
C THR D 116 -16.99 20.15 -6.99
N ILE D 117 -16.03 19.90 -6.10
CA ILE D 117 -14.83 19.15 -6.46
CA ILE D 117 -14.84 19.17 -6.52
C ILE D 117 -15.16 17.69 -6.71
N MET D 118 -16.00 17.12 -5.85
CA MET D 118 -16.40 15.73 -6.03
C MET D 118 -17.19 15.57 -7.33
N ASP D 119 -18.05 16.55 -7.65
CA ASP D 119 -18.87 16.45 -8.86
C ASP D 119 -18.01 16.41 -10.12
N VAL D 120 -16.90 17.16 -10.13
CA VAL D 120 -16.02 17.20 -11.29
C VAL D 120 -15.05 16.02 -11.26
N ASN D 121 -14.24 15.93 -10.20
CA ASN D 121 -13.08 15.04 -10.21
C ASN D 121 -13.50 13.58 -10.16
N LEU D 122 -14.51 13.25 -9.37
CA LEU D 122 -14.86 11.86 -9.11
C LEU D 122 -16.12 11.47 -9.87
N ARG D 123 -17.27 12.04 -9.48
CA ARG D 123 -18.54 11.67 -10.09
C ARG D 123 -18.52 11.91 -11.59
N GLY D 124 -18.07 13.09 -12.02
CA GLY D 124 -18.05 13.38 -13.44
C GLY D 124 -17.13 12.44 -14.21
N THR D 125 -15.92 12.20 -13.68
CA THR D 125 -14.99 11.30 -14.33
C THR D 125 -15.58 9.90 -14.46
N VAL D 126 -16.21 9.40 -13.40
CA VAL D 126 -16.78 8.06 -13.39
C VAL D 126 -17.84 7.92 -14.47
N PHE D 127 -18.77 8.88 -14.53
CA PHE D 127 -19.86 8.71 -15.47
C PHE D 127 -19.47 9.12 -16.88
N PHE D 128 -18.43 9.94 -17.06
CA PHE D 128 -17.95 10.16 -18.41
C PHE D 128 -17.24 8.93 -18.94
N THR D 129 -16.45 8.27 -18.07
CA THR D 129 -15.86 6.98 -18.43
C THR D 129 -16.94 5.97 -18.79
N GLN D 130 -17.99 5.88 -17.97
CA GLN D 130 -19.12 5.01 -18.29
C GLN D 130 -19.61 5.23 -19.73
N ALA D 131 -19.90 6.49 -20.09
CA ALA D 131 -20.40 6.76 -21.43
C ALA D 131 -19.40 6.36 -22.50
N VAL D 132 -18.11 6.66 -22.29
CA VAL D 132 -17.10 6.33 -23.29
C VAL D 132 -16.93 4.83 -23.42
N VAL D 133 -16.96 4.11 -22.30
CA VAL D 133 -16.79 2.66 -22.33
C VAL D 133 -17.92 2.01 -23.10
N LYS D 134 -19.15 2.50 -22.93
CA LYS D 134 -20.26 1.98 -23.73
C LYS D 134 -19.96 2.07 -25.21
N ALA D 135 -19.38 3.18 -25.64
CA ALA D 135 -19.02 3.33 -27.05
C ALA D 135 -17.93 2.33 -27.43
N MET D 136 -16.93 2.14 -26.55
CA MET D 136 -15.82 1.26 -26.87
C MET D 136 -16.27 -0.20 -26.94
N LEU D 137 -17.14 -0.63 -26.02
CA LEU D 137 -17.62 -2.01 -26.10
C LEU D 137 -18.55 -2.24 -27.28
N ALA D 138 -19.13 -1.17 -27.84
CA ALA D 138 -19.98 -1.31 -29.01
C ALA D 138 -19.20 -1.14 -30.32
N ALA D 139 -17.87 -1.11 -30.27
CA ALA D 139 -17.08 -0.91 -31.47
C ALA D 139 -17.19 -2.10 -32.41
N ASP D 140 -17.39 -1.82 -33.70
CA ASP D 140 -17.36 -2.88 -34.69
C ASP D 140 -15.93 -3.27 -35.04
N GLU D 141 -15.04 -2.30 -35.13
CA GLU D 141 -13.65 -2.50 -35.52
C GLU D 141 -12.73 -2.13 -34.37
N VAL D 142 -11.78 -3.01 -34.06
CA VAL D 142 -10.76 -2.76 -33.05
C VAL D 142 -9.42 -3.06 -33.73
N ARG D 143 -8.88 -2.08 -34.44
CA ARG D 143 -7.61 -2.26 -35.13
C ARG D 143 -6.42 -1.68 -34.38
N PHE D 144 -6.66 -0.88 -33.32
CA PHE D 144 -5.59 -0.21 -32.61
C PHE D 144 -5.61 -0.58 -31.13
N PRO D 145 -4.45 -0.59 -30.45
CA PRO D 145 -4.47 -0.81 -29.00
C PRO D 145 -5.34 0.23 -28.30
N ARG D 146 -6.11 -0.24 -27.32
CA ARG D 146 -7.06 0.61 -26.62
C ARG D 146 -6.69 0.73 -25.16
N SER D 147 -6.97 1.89 -24.58
CA SER D 147 -6.58 2.16 -23.20
C SER D 147 -7.47 3.25 -22.61
N ILE D 148 -7.53 3.27 -21.29
CA ILE D 148 -8.14 4.36 -20.54
C ILE D 148 -7.15 4.77 -19.48
N VAL D 149 -6.66 6.00 -19.57
CA VAL D 149 -5.64 6.51 -18.65
C VAL D 149 -6.29 7.60 -17.81
N THR D 150 -6.26 7.42 -16.49
CA THR D 150 -6.93 8.37 -15.59
C THR D 150 -5.88 9.12 -14.79
N ILE D 151 -5.94 10.45 -14.86
CA ILE D 151 -5.02 11.33 -14.14
C ILE D 151 -5.63 11.56 -12.77
N SER D 152 -5.09 10.90 -11.75
CA SER D 152 -5.53 11.17 -10.39
C SER D 152 -4.63 12.23 -9.78
N SER D 153 -3.75 11.83 -8.88
CA SER D 153 -2.80 12.71 -8.22
C SER D 153 -2.05 11.88 -7.19
N VAL D 154 -0.85 12.31 -6.82
CA VAL D 154 -0.23 11.75 -5.63
C VAL D 154 -1.11 12.02 -4.41
N SER D 155 -2.05 12.98 -4.52
CA SER D 155 -2.99 13.23 -3.43
C SER D 155 -3.92 12.05 -3.16
N SER D 156 -4.02 11.10 -4.10
CA SER D 156 -4.69 9.84 -3.81
C SER D 156 -4.03 9.08 -2.67
N VAL D 157 -2.71 9.19 -2.54
CA VAL D 157 -1.95 8.43 -1.57
C VAL D 157 -1.18 9.28 -0.59
N MET D 158 -1.14 10.60 -0.76
CA MET D 158 -0.47 11.50 0.16
C MET D 158 -1.49 12.53 0.63
N THR D 159 -1.69 12.64 1.94
CA THR D 159 -2.78 13.50 2.40
C THR D 159 -2.31 14.94 2.62
N SER D 160 -3.22 15.87 2.37
CA SER D 160 -3.04 17.31 2.62
C SER D 160 -4.24 17.76 3.43
N PRO D 161 -4.10 17.89 4.76
CA PRO D 161 -5.28 18.18 5.59
C PRO D 161 -5.97 19.49 5.26
N GLU D 162 -5.30 20.41 4.58
CA GLU D 162 -5.93 21.68 4.25
C GLU D 162 -6.81 21.61 3.00
N ARG D 163 -6.92 20.45 2.37
CA ARG D 163 -7.77 20.27 1.19
C ARG D 163 -8.18 18.79 1.09
N LEU D 164 -8.80 18.29 2.16
CA LEU D 164 -9.16 16.87 2.21
C LEU D 164 -10.23 16.51 1.17
N ASP D 165 -11.07 17.47 0.77
CA ASP D 165 -12.01 17.17 -0.30
C ASP D 165 -11.30 16.80 -1.59
N TYR D 166 -10.24 17.53 -1.94
CA TYR D 166 -9.46 17.19 -3.13
C TYR D 166 -8.85 15.80 -3.01
N CYS D 167 -8.21 15.52 -1.86
CA CYS D 167 -7.59 14.21 -1.65
C CYS D 167 -8.60 13.08 -1.76
N ILE D 168 -9.77 13.26 -1.14
CA ILE D 168 -10.79 12.22 -1.16
C ILE D 168 -11.26 11.95 -2.58
N SER D 169 -11.49 13.02 -3.35
CA SER D 169 -11.94 12.83 -4.73
C SER D 169 -10.92 12.05 -5.55
N LYS D 170 -9.63 12.30 -5.32
CA LYS D 170 -8.58 11.61 -6.07
C LYS D 170 -8.40 10.17 -5.59
N ALA D 171 -8.48 9.95 -4.28
CA ALA D 171 -8.45 8.59 -3.75
C ALA D 171 -9.62 7.77 -4.28
N GLY D 172 -10.77 8.41 -4.48
CA GLY D 172 -11.89 7.69 -5.07
C GLY D 172 -11.58 7.21 -6.46
N LEU D 173 -10.85 8.02 -7.24
CA LEU D 173 -10.46 7.62 -8.59
C LEU D 173 -9.56 6.40 -8.56
N THR D 174 -8.62 6.34 -7.61
CA THR D 174 -7.76 5.17 -7.46
C THR D 174 -8.57 3.89 -7.36
N ALA D 175 -9.60 3.87 -6.49
CA ALA D 175 -10.44 2.70 -6.36
C ALA D 175 -11.22 2.43 -7.64
N PHE D 176 -11.76 3.48 -8.26
CA PHE D 176 -12.51 3.33 -9.51
C PHE D 176 -11.66 2.65 -10.58
N VAL D 177 -10.40 3.10 -10.75
CA VAL D 177 -9.55 2.57 -11.80
C VAL D 177 -9.29 1.07 -11.59
N GLN D 178 -9.15 0.64 -10.32
CA GLN D 178 -8.91 -0.78 -10.07
C GLN D 178 -10.09 -1.61 -10.57
N GLY D 179 -11.31 -1.20 -10.22
CA GLY D 179 -12.48 -1.94 -10.65
C GLY D 179 -12.72 -1.87 -12.14
N LEU D 180 -12.45 -0.70 -12.74
CA LEU D 180 -12.56 -0.56 -14.19
C LEU D 180 -11.58 -1.47 -14.92
N ALA D 181 -10.35 -1.59 -14.43
CA ALA D 181 -9.38 -2.51 -15.06
C ALA D 181 -9.91 -3.94 -15.07
N LEU D 182 -10.51 -4.41 -13.97
CA LEU D 182 -11.12 -5.73 -13.99
C LEU D 182 -12.25 -5.80 -15.00
N ARG D 183 -13.10 -4.77 -15.02
CA ARG D 183 -14.27 -4.77 -15.89
C ARG D 183 -13.87 -4.90 -17.36
N LEU D 184 -12.74 -4.31 -17.73
CA LEU D 184 -12.33 -4.23 -19.13
C LEU D 184 -11.22 -5.20 -19.48
N ALA D 185 -10.87 -6.12 -18.57
CA ALA D 185 -9.71 -6.98 -18.78
C ALA D 185 -9.90 -7.93 -19.96
N GLU D 186 -11.11 -8.44 -20.15
CA GLU D 186 -11.37 -9.35 -21.25
C GLU D 186 -11.58 -8.61 -22.57
N ALA D 187 -11.85 -7.31 -22.54
CA ALA D 187 -11.95 -6.51 -23.76
C ALA D 187 -10.59 -6.06 -24.27
N ARG D 188 -9.51 -6.38 -23.55
CA ARG D 188 -8.16 -5.96 -23.92
C ARG D 188 -8.06 -4.43 -24.02
N ILE D 189 -8.68 -3.76 -23.06
CA ILE D 189 -8.51 -2.32 -22.89
C ILE D 189 -7.64 -2.12 -21.67
N GLY D 190 -6.43 -1.61 -21.88
CA GLY D 190 -5.53 -1.37 -20.77
C GLY D 190 -6.02 -0.19 -19.94
N VAL D 191 -6.05 -0.37 -18.63
CA VAL D 191 -6.61 0.62 -17.72
C VAL D 191 -5.52 0.99 -16.71
N PHE D 192 -5.18 2.27 -16.65
CA PHE D 192 -4.01 2.71 -15.91
C PHE D 192 -4.36 3.98 -15.13
N GLU D 193 -3.65 4.15 -14.03
CA GLU D 193 -3.70 5.36 -13.23
C GLU D 193 -2.35 6.06 -13.31
N VAL D 194 -2.39 7.37 -13.55
CA VAL D 194 -1.18 8.20 -13.53
C VAL D 194 -1.37 9.27 -12.46
N ARG D 195 -0.39 9.37 -11.55
CA ARG D 195 -0.42 10.25 -10.38
C ARG D 195 0.63 11.33 -10.53
N PRO D 196 0.29 12.52 -11.06
CA PRO D 196 1.28 13.59 -11.14
C PRO D 196 1.61 14.13 -9.76
N GLY D 197 2.83 14.65 -9.62
CA GLY D 197 3.27 15.21 -8.36
C GLY D 197 3.06 16.71 -8.32
N ILE D 198 4.12 17.46 -8.56
CA ILE D 198 4.10 18.92 -8.59
C ILE D 198 4.46 19.34 -10.01
N ILE D 199 3.43 19.63 -10.80
CA ILE D 199 3.59 19.98 -12.21
C ILE D 199 3.33 21.47 -12.37
N ARG D 200 4.11 22.12 -13.23
CA ARG D 200 3.95 23.55 -13.44
C ARG D 200 2.73 23.82 -14.33
N THR D 201 1.59 24.11 -13.71
CA THR D 201 0.39 24.49 -14.45
C THR D 201 -0.32 25.60 -13.66
N ASP D 202 -1.45 26.07 -14.21
CA ASP D 202 -2.33 26.99 -13.50
C ASP D 202 -2.73 26.47 -12.12
N MET D 203 -2.83 25.15 -11.96
CA MET D 203 -3.35 24.59 -10.72
C MET D 203 -2.39 24.80 -9.56
N THR D 204 -1.10 24.94 -9.83
CA THR D 204 -0.08 25.17 -8.81
C THR D 204 0.43 26.61 -8.80
N ALA D 205 -0.16 27.48 -9.61
CA ALA D 205 0.38 28.84 -9.77
C ALA D 205 0.36 29.61 -8.45
N LYS D 206 -0.71 29.50 -7.67
CA LYS D 206 -0.82 30.31 -6.48
C LYS D 206 0.00 29.79 -5.31
N VAL D 207 0.52 28.56 -5.39
CA VAL D 207 1.43 28.03 -4.37
C VAL D 207 2.82 27.77 -4.95
N ALA D 208 3.17 28.41 -6.06
CA ALA D 208 4.45 28.11 -6.70
C ALA D 208 5.62 28.50 -5.80
N ALA D 209 5.44 29.50 -4.95
CA ALA D 209 6.50 29.91 -4.03
C ALA D 209 6.78 28.83 -2.99
N ARG D 210 5.71 28.30 -2.38
CA ARG D 210 5.91 27.20 -1.44
C ARG D 210 6.58 26.02 -2.13
N TYR D 211 6.19 25.73 -3.37
CA TYR D 211 6.70 24.54 -4.04
C TYR D 211 8.15 24.74 -4.48
N ASP D 212 8.52 25.95 -4.90
CA ASP D 212 9.92 26.24 -5.21
C ASP D 212 10.84 25.90 -4.04
N ALA D 213 10.49 26.37 -2.85
CA ALA D 213 11.32 26.10 -1.67
C ALA D 213 11.39 24.60 -1.40
N LEU D 214 10.25 23.90 -1.51
CA LEU D 214 10.24 22.47 -1.25
C LEU D 214 11.02 21.71 -2.32
N ILE D 215 10.85 22.09 -3.59
CA ILE D 215 11.55 21.40 -4.66
C ILE D 215 13.06 21.58 -4.51
N GLU D 216 13.50 22.81 -4.29
CA GLU D 216 14.93 23.08 -4.11
C GLU D 216 15.46 22.37 -2.86
N GLY D 217 14.62 22.24 -1.83
CA GLY D 217 15.04 21.56 -0.61
C GLY D 217 15.17 20.06 -0.74
N GLY D 218 14.66 19.48 -1.82
CA GLY D 218 14.74 18.05 -2.03
C GLY D 218 13.48 17.27 -1.72
N LEU D 219 12.37 17.95 -1.40
CA LEU D 219 11.09 17.27 -1.25
C LEU D 219 10.79 16.44 -2.50
N VAL D 220 11.07 16.99 -3.67
CA VAL D 220 11.04 16.23 -4.92
C VAL D 220 12.46 15.71 -5.18
N PRO D 221 12.69 14.40 -5.15
CA PRO D 221 14.06 13.88 -5.28
C PRO D 221 14.79 14.33 -6.53
N MET D 222 14.08 14.47 -7.65
CA MET D 222 14.70 14.97 -8.87
C MET D 222 14.95 16.46 -8.86
N LYS D 223 14.47 17.18 -7.84
CA LYS D 223 14.87 18.56 -7.61
C LYS D 223 14.53 19.48 -8.79
N ARG D 224 13.38 19.24 -9.42
CA ARG D 224 12.89 20.17 -10.42
C ARG D 224 11.37 20.11 -10.45
N TRP D 225 10.78 21.19 -10.97
CA TRP D 225 9.37 21.16 -11.31
C TRP D 225 9.09 20.09 -12.36
N GLY D 226 7.96 19.41 -12.20
CA GLY D 226 7.42 18.64 -13.29
C GLY D 226 6.76 19.53 -14.32
N GLU D 227 6.72 19.04 -15.57
CA GLU D 227 6.12 19.78 -16.68
C GLU D 227 5.04 18.94 -17.35
N ALA D 228 4.13 19.61 -18.04
CA ALA D 228 3.08 18.91 -18.78
C ALA D 228 3.65 17.83 -19.71
N SER D 229 4.80 18.11 -20.31
CA SER D 229 5.38 17.14 -21.22
C SER D 229 5.91 15.90 -20.50
N ASP D 230 6.25 15.99 -19.21
CA ASP D 230 6.59 14.79 -18.45
C ASP D 230 5.40 13.85 -18.34
N VAL D 231 4.23 14.38 -17.95
CA VAL D 231 3.03 13.54 -17.87
C VAL D 231 2.66 13.05 -19.26
N GLY D 232 2.76 13.93 -20.28
CA GLY D 232 2.38 13.53 -21.62
C GLY D 232 3.21 12.38 -22.17
N ALA D 233 4.52 12.42 -21.96
CA ALA D 233 5.37 11.33 -22.41
C ALA D 233 4.97 10.02 -21.74
N ILE D 234 4.66 10.06 -20.44
CA ILE D 234 4.23 8.86 -19.73
C ILE D 234 2.91 8.35 -20.28
N VAL D 235 1.91 9.24 -20.43
CA VAL D 235 0.60 8.79 -20.88
C VAL D 235 0.68 8.23 -22.30
N ALA D 236 1.42 8.89 -23.18
CA ALA D 236 1.57 8.36 -24.53
C ALA D 236 2.26 7.00 -24.51
N GLY D 237 3.24 6.82 -23.63
CA GLY D 237 3.83 5.50 -23.46
C GLY D 237 2.80 4.43 -23.17
N LEU D 238 1.89 4.68 -22.24
CA LEU D 238 0.87 3.70 -21.89
C LEU D 238 -0.17 3.51 -23.00
N ALA D 239 -0.43 4.54 -23.80
CA ALA D 239 -1.47 4.47 -24.81
C ALA D 239 -1.03 3.67 -26.03
N GLY D 240 0.27 3.38 -26.16
CA GLY D 240 0.79 2.74 -27.36
C GLY D 240 0.56 1.25 -27.45
N GLY D 241 0.07 0.61 -26.39
CA GLY D 241 -0.17 -0.81 -26.39
C GLY D 241 0.90 -1.67 -25.73
N ASP D 242 2.11 -1.13 -25.54
CA ASP D 242 3.17 -1.96 -24.94
C ASP D 242 2.87 -2.35 -23.48
N PHE D 243 1.90 -1.71 -22.82
CA PHE D 243 1.64 -1.97 -21.40
C PHE D 243 0.32 -2.71 -21.16
N ILE D 244 -0.23 -3.37 -22.19
CA ILE D 244 -1.55 -3.99 -22.06
C ILE D 244 -1.54 -5.06 -20.95
N PHE D 245 -0.45 -5.78 -20.79
CA PHE D 245 -0.41 -6.81 -19.75
C PHE D 245 -0.16 -6.22 -18.38
N ALA D 246 0.06 -4.90 -18.31
CA ALA D 246 0.22 -4.19 -17.05
C ALA D 246 -1.06 -3.47 -16.61
N THR D 247 -2.21 -3.84 -17.19
CA THR D 247 -3.45 -3.17 -16.82
C THR D 247 -3.67 -3.21 -15.30
N GLY D 248 -4.16 -2.10 -14.75
CA GLY D 248 -4.31 -1.94 -13.31
C GLY D 248 -3.13 -1.28 -12.62
N SER D 249 -2.02 -1.04 -13.33
CA SER D 249 -0.86 -0.44 -12.71
C SER D 249 -1.08 1.04 -12.49
N ALA D 250 -0.43 1.58 -11.46
CA ALA D 250 -0.39 3.01 -11.21
C ALA D 250 1.05 3.50 -11.44
N ILE D 251 1.17 4.60 -12.19
CA ILE D 251 2.45 5.24 -12.47
C ILE D 251 2.48 6.57 -11.73
N HIS D 252 3.57 6.84 -11.02
CA HIS D 252 3.76 8.09 -10.30
C HIS D 252 4.55 9.05 -11.18
N ALA D 253 3.94 10.18 -11.54
CA ALA D 253 4.61 11.14 -12.44
C ALA D 253 5.06 12.36 -11.62
N ASP D 254 6.04 12.11 -10.75
CA ASP D 254 6.28 13.02 -9.64
C ASP D 254 7.75 13.23 -9.31
N GLY D 255 8.68 12.79 -10.16
CA GLY D 255 10.09 12.93 -9.83
C GLY D 255 10.50 12.29 -8.52
N GLY D 256 9.75 11.29 -8.06
CA GLY D 256 10.06 10.59 -6.80
C GLY D 256 9.38 11.17 -5.57
N LEU D 257 8.53 12.19 -5.75
CA LEU D 257 7.88 12.88 -4.62
C LEU D 257 7.19 11.92 -3.66
N SER D 258 6.47 10.93 -4.20
CA SER D 258 5.65 10.05 -3.38
C SER D 258 6.41 8.83 -2.86
N ILE D 259 7.72 8.73 -3.11
CA ILE D 259 8.51 7.68 -2.47
C ILE D 259 8.56 7.98 -0.98
N ALA D 260 8.08 7.04 -0.17
CA ALA D 260 8.05 7.28 1.27
C ALA D 260 9.47 7.17 1.81
N LYS D 261 9.93 8.21 2.48
CA LYS D 261 11.32 8.26 2.93
C LYS D 261 11.42 8.75 4.35
N LEU D 262 12.40 8.21 5.07
CA LEU D 262 12.73 8.70 6.40
C LEU D 262 14.20 9.13 6.48
#